data_6BLF
#
_entry.id   6BLF
#
_cell.length_a   72.030
_cell.length_b   95.830
_cell.length_c   104.130
_cell.angle_alpha   90.00
_cell.angle_beta   90.00
_cell.angle_gamma   90.00
#
_symmetry.space_group_name_H-M   'P 21 21 21'
#
loop_
_entity.id
_entity.type
_entity.pdbx_description
1 polymer "cGMP-dependent 3',5'-cyclic phosphodiesterase"
2 non-polymer '[(1S)-6-fluoro-8-(methylsulfonyl)-9-{(1R)-1-[4-(trifluoromethyl)phenyl]ethyl}-2,3,4,9-tetrahydro-1H-carbazol-1-yl]acetic acid'
3 non-polymer 'ZINC ION'
4 non-polymer 'MAGNESIUM ION'
5 water water
#
_entity_poly.entity_id   1
_entity_poly.type   'polypeptide(L)'
_entity_poly.pdbx_seq_one_letter_code
;MHHHHHHENLYFQGELSTSLYKKAGFDDDDKSDDEYTKLLHDGIQPVAAIDSNFASFTYTPRSLPEDDTSMAILSMLQDM
NFINNYKIDCPTLARFCLMVKKGYRDPPYHNWMHAFSVSHFCYLLYKNLELTNYLEDIEIFALFISCMCHDLDHRGTNNS
FQVASKSVLAALYSSEGSVMERHHFAQAIAILNTHGCNIFDHFSRKDYQRMLDLMRDIILATDLAHHLRIFKDLQKMAEV
GYDRNNKQHHRLLLCLLMTSCDLSDQTKGWKTTRKIAELIYKEFFSQGDLEKAMGNRPMEMMDREKAYIPELQISFMEHI
AMPIYKLLQDLFPKAAELYERVASNREHWTKVSHKFTIRGLPSNNSLDFLDEE
;
_entity_poly.pdbx_strand_id   A,B
#
# COMPACT_ATOMS: atom_id res chain seq x y z
N SER A 17 -0.65 19.77 -28.91
CA SER A 17 -1.38 20.32 -27.78
C SER A 17 -0.45 20.70 -26.61
N THR A 18 -0.98 21.52 -25.67
CA THR A 18 -0.22 21.93 -24.49
C THR A 18 -0.11 20.79 -23.43
N SER A 19 -0.70 19.59 -23.71
CA SER A 19 -0.71 18.40 -22.84
C SER A 19 0.39 17.36 -23.13
N LEU A 20 1.11 17.55 -24.26
CA LEU A 20 2.19 16.66 -24.69
C LEU A 20 3.50 17.07 -23.98
N TYR A 21 3.99 16.21 -23.06
CA TYR A 21 5.21 16.42 -22.28
C TYR A 21 6.17 15.25 -22.48
N LYS A 22 7.36 15.55 -23.01
CA LYS A 22 8.39 14.58 -23.35
C LYS A 22 9.37 14.21 -22.22
N LYS A 23 9.95 13.00 -22.37
CA LYS A 23 10.97 12.32 -21.56
C LYS A 23 12.30 12.53 -22.30
N ALA A 24 13.40 12.87 -21.57
CA ALA A 24 14.73 13.11 -22.15
C ALA A 24 15.28 11.92 -22.96
N GLY A 25 15.14 10.72 -22.41
CA GLY A 25 15.61 9.49 -23.04
C GLY A 25 14.77 8.27 -22.74
N PHE A 26 15.44 7.11 -22.61
CA PHE A 26 14.81 5.82 -22.35
C PHE A 26 15.18 5.26 -20.97
N ASP A 33 26.89 11.13 -21.16
CA ASP A 33 28.21 10.90 -20.60
C ASP A 33 28.87 12.20 -20.14
N ASP A 34 28.66 13.31 -20.89
CA ASP A 34 29.22 14.64 -20.60
C ASP A 34 28.69 15.24 -19.30
N GLU A 35 27.42 14.94 -18.96
CA GLU A 35 26.79 15.41 -17.73
C GLU A 35 27.29 14.62 -16.52
N TYR A 36 27.73 13.36 -16.75
CA TYR A 36 28.26 12.45 -15.72
C TYR A 36 29.71 12.81 -15.40
N THR A 37 30.51 13.11 -16.44
CA THR A 37 31.92 13.48 -16.30
C THR A 37 32.06 14.84 -15.62
N LYS A 38 31.09 15.77 -15.87
CA LYS A 38 31.03 17.12 -15.27
C LYS A 38 30.88 17.00 -13.76
N LEU A 39 30.07 16.03 -13.30
CA LEU A 39 29.84 15.73 -11.89
C LEU A 39 31.09 15.05 -11.34
N LEU A 40 31.76 14.23 -12.19
CA LEU A 40 33.00 13.52 -11.85
C LEU A 40 34.20 14.47 -11.79
N HIS A 41 34.05 15.70 -12.35
CA HIS A 41 35.06 16.73 -12.38
C HIS A 41 35.03 17.57 -11.10
N ASP A 42 33.88 18.23 -10.81
CA ASP A 42 33.72 19.07 -9.61
C ASP A 42 32.28 19.06 -9.04
N GLY A 43 31.64 17.89 -9.04
CA GLY A 43 30.28 17.70 -8.54
C GLY A 43 30.10 17.97 -7.05
N ILE A 44 31.19 17.80 -6.25
CA ILE A 44 31.12 18.06 -4.81
C ILE A 44 31.83 19.38 -4.53
N GLN A 45 31.01 20.42 -4.42
CA GLN A 45 31.43 21.78 -4.13
C GLN A 45 30.91 22.13 -2.74
N PRO A 46 31.67 22.86 -1.88
CA PRO A 46 31.10 23.25 -0.58
C PRO A 46 29.84 24.09 -0.86
N VAL A 47 28.81 23.95 -0.02
CA VAL A 47 27.53 24.65 -0.21
C VAL A 47 27.66 26.19 -0.36
N ALA A 48 28.57 26.85 0.40
CA ALA A 48 28.79 28.30 0.33
C ALA A 48 29.30 28.77 -1.04
N ALA A 49 30.03 27.91 -1.76
CA ALA A 49 30.52 28.22 -3.09
C ALA A 49 29.34 28.31 -4.10
N ILE A 50 28.21 27.62 -3.80
CA ILE A 50 27.01 27.64 -4.65
C ILE A 50 26.35 28.99 -4.42
N ASP A 51 26.03 29.29 -3.16
CA ASP A 51 25.45 30.56 -2.72
C ASP A 51 25.77 30.73 -1.24
N SER A 52 26.06 31.97 -0.80
CA SER A 52 26.33 32.24 0.62
C SER A 52 24.99 32.10 1.39
N ASN A 53 23.87 32.26 0.68
CA ASN A 53 22.52 32.14 1.27
C ASN A 53 21.88 30.74 1.09
N PHE A 54 22.65 29.77 0.54
CA PHE A 54 22.17 28.41 0.23
C PHE A 54 21.49 27.64 1.38
N ALA A 55 21.93 27.84 2.65
CA ALA A 55 21.32 27.15 3.79
C ALA A 55 20.28 27.97 4.56
N SER A 56 19.76 29.04 3.94
CA SER A 56 18.75 29.90 4.55
C SER A 56 17.35 29.66 3.97
N PHE A 57 16.29 29.92 4.77
CA PHE A 57 14.89 29.81 4.36
C PHE A 57 14.54 30.92 3.34
N THR A 58 15.46 31.91 3.15
CA THR A 58 15.26 33.00 2.19
C THR A 58 15.86 32.65 0.85
N TYR A 59 16.52 31.48 0.73
CA TYR A 59 17.09 31.05 -0.53
C TYR A 59 16.00 30.54 -1.45
N THR A 60 16.13 30.83 -2.74
CA THR A 60 15.17 30.36 -3.72
C THR A 60 15.92 29.37 -4.63
N PRO A 61 15.72 28.05 -4.43
CA PRO A 61 16.45 27.07 -5.27
C PRO A 61 16.11 27.14 -6.76
N ARG A 62 14.94 27.71 -7.13
CA ARG A 62 14.54 27.87 -8.55
C ARG A 62 15.40 28.91 -9.30
N SER A 63 16.21 29.69 -8.57
CA SER A 63 17.14 30.69 -9.12
C SER A 63 18.40 29.97 -9.60
N LEU A 64 18.66 28.74 -9.10
CA LEU A 64 19.85 27.98 -9.48
C LEU A 64 19.71 27.45 -10.92
N PRO A 65 20.68 27.73 -11.85
CA PRO A 65 20.55 27.19 -13.22
C PRO A 65 20.35 25.68 -13.21
N GLU A 66 19.45 25.16 -14.06
CA GLU A 66 19.14 23.73 -14.11
C GLU A 66 20.39 22.83 -14.24
N ASP A 67 21.42 23.26 -15.00
CA ASP A 67 22.68 22.52 -15.21
C ASP A 67 23.51 22.35 -13.94
N ASP A 68 23.32 23.22 -12.93
CA ASP A 68 24.05 23.16 -11.66
C ASP A 68 23.30 22.41 -10.54
N THR A 69 22.05 21.97 -10.81
CA THR A 69 21.21 21.29 -9.81
C THR A 69 21.71 19.93 -9.39
N SER A 70 22.26 19.13 -10.31
CA SER A 70 22.76 17.79 -9.96
C SER A 70 23.97 17.92 -9.00
N MET A 71 24.85 18.89 -9.28
CA MET A 71 26.02 19.22 -8.45
C MET A 71 25.52 19.66 -7.06
N ALA A 72 24.43 20.48 -6.98
CA ALA A 72 23.86 20.95 -5.70
C ALA A 72 23.28 19.82 -4.87
N ILE A 73 22.72 18.79 -5.55
CA ILE A 73 22.19 17.61 -4.86
C ILE A 73 23.37 16.95 -4.12
N LEU A 74 24.47 16.65 -4.84
CA LEU A 74 25.64 16.02 -4.23
C LEU A 74 26.17 16.86 -3.05
N SER A 75 26.26 18.19 -3.24
CA SER A 75 26.73 19.15 -2.24
C SER A 75 25.91 19.07 -0.97
N MET A 76 24.57 18.97 -1.09
CA MET A 76 23.69 18.88 0.07
C MET A 76 23.88 17.54 0.78
N LEU A 77 24.07 16.45 0.00
CA LEU A 77 24.26 15.11 0.54
C LEU A 77 25.56 15.04 1.32
N GLN A 78 26.64 15.62 0.75
CA GLN A 78 27.96 15.72 1.38
C GLN A 78 27.91 16.58 2.65
N ASP A 79 27.24 17.75 2.58
CA ASP A 79 27.13 18.68 3.69
C ASP A 79 26.38 18.11 4.88
N MET A 80 25.40 17.22 4.62
CA MET A 80 24.61 16.53 5.65
C MET A 80 25.41 15.29 6.17
N ASN A 81 26.54 14.99 5.50
CA ASN A 81 27.53 13.91 5.72
C ASN A 81 27.00 12.49 5.34
N PHE A 82 25.90 12.40 4.56
CA PHE A 82 25.31 11.12 4.15
C PHE A 82 26.22 10.28 3.21
N ILE A 83 27.12 10.93 2.44
CA ILE A 83 28.04 10.20 1.55
C ILE A 83 29.07 9.39 2.37
N ASN A 84 29.51 9.93 3.54
CA ASN A 84 30.49 9.27 4.40
C ASN A 84 29.84 8.38 5.48
N ASN A 85 28.72 8.83 6.08
CA ASN A 85 28.00 8.07 7.11
C ASN A 85 27.44 6.74 6.59
N TYR A 86 27.05 6.69 5.30
CA TYR A 86 26.49 5.50 4.65
C TYR A 86 27.42 4.90 3.60
N LYS A 87 28.66 5.42 3.52
CA LYS A 87 29.73 4.98 2.63
C LYS A 87 29.29 4.86 1.16
N ILE A 88 28.31 5.70 0.76
CA ILE A 88 27.72 5.75 -0.59
C ILE A 88 28.85 5.94 -1.60
N ASP A 89 28.89 5.07 -2.62
CA ASP A 89 29.91 5.15 -3.66
C ASP A 89 29.59 6.36 -4.52
N CYS A 90 30.47 7.38 -4.46
CA CYS A 90 30.32 8.65 -5.19
C CYS A 90 29.86 8.49 -6.68
N PRO A 91 30.52 7.68 -7.57
CA PRO A 91 30.04 7.58 -8.96
C PRO A 91 28.68 6.90 -9.12
N THR A 92 28.27 6.08 -8.13
CA THR A 92 26.98 5.40 -8.10
C THR A 92 25.91 6.49 -7.80
N LEU A 93 26.23 7.39 -6.85
CA LEU A 93 25.39 8.50 -6.43
C LEU A 93 25.24 9.49 -7.60
N ALA A 94 26.33 9.76 -8.34
CA ALA A 94 26.33 10.64 -9.51
C ALA A 94 25.42 10.06 -10.62
N ARG A 95 25.43 8.73 -10.80
CA ARG A 95 24.62 8.05 -11.80
C ARG A 95 23.16 8.08 -11.36
N PHE A 96 22.87 7.73 -10.09
CA PHE A 96 21.54 7.74 -9.50
C PHE A 96 20.84 9.12 -9.65
N CYS A 97 21.55 10.22 -9.30
N CYS A 97 21.53 10.23 -9.28
CA CYS A 97 21.05 11.61 -9.35
CA CYS A 97 21.00 11.60 -9.35
C CYS A 97 20.64 12.03 -10.75
C CYS A 97 20.60 11.99 -10.76
N LEU A 98 21.47 11.67 -11.75
CA LEU A 98 21.22 11.98 -13.15
C LEU A 98 20.04 11.18 -13.71
N MET A 99 19.83 9.96 -13.20
CA MET A 99 18.73 9.08 -13.59
C MET A 99 17.43 9.64 -13.02
N VAL A 100 17.47 10.13 -11.76
CA VAL A 100 16.32 10.75 -11.10
C VAL A 100 15.96 11.99 -11.92
N LYS A 101 16.96 12.85 -12.23
CA LYS A 101 16.78 14.06 -13.01
C LYS A 101 16.13 13.74 -14.37
N LYS A 102 16.67 12.73 -15.09
CA LYS A 102 16.18 12.26 -16.39
C LYS A 102 14.77 11.62 -16.27
N GLY A 103 14.40 11.15 -15.09
CA GLY A 103 13.12 10.49 -14.84
C GLY A 103 11.92 11.43 -14.78
N TYR A 104 12.16 12.74 -14.87
CA TYR A 104 11.09 13.72 -14.87
C TYR A 104 10.80 14.16 -16.30
N ARG A 105 9.53 14.43 -16.61
CA ARG A 105 9.10 14.91 -17.92
C ARG A 105 9.13 16.43 -17.85
N ASP A 106 8.60 17.13 -18.87
CA ASP A 106 8.62 18.59 -18.84
C ASP A 106 7.21 19.26 -18.77
N PRO A 107 6.28 18.88 -17.84
CA PRO A 107 5.03 19.65 -17.73
C PRO A 107 5.38 21.02 -17.09
N PRO A 108 4.50 22.05 -17.11
CA PRO A 108 4.90 23.35 -16.54
C PRO A 108 5.32 23.31 -15.07
N TYR A 109 4.63 22.51 -14.22
CA TYR A 109 5.02 22.51 -12.81
C TYR A 109 5.74 21.23 -12.34
N HIS A 110 5.16 20.05 -12.54
CA HIS A 110 5.70 18.77 -12.05
C HIS A 110 6.91 18.24 -12.88
N ASN A 111 8.02 19.01 -12.87
CA ASN A 111 9.26 18.67 -13.59
C ASN A 111 10.43 18.53 -12.58
N TRP A 112 11.67 18.36 -13.07
CA TRP A 112 12.85 18.22 -12.21
C TRP A 112 13.05 19.42 -11.28
N MET A 113 12.85 20.64 -11.79
CA MET A 113 13.05 21.85 -10.99
C MET A 113 12.14 21.85 -9.78
N HIS A 114 10.95 21.24 -9.88
CA HIS A 114 10.08 21.12 -8.72
C HIS A 114 10.70 20.11 -7.70
N ALA A 115 11.11 18.91 -8.18
CA ALA A 115 11.71 17.90 -7.28
C ALA A 115 12.96 18.45 -6.62
N PHE A 116 13.79 19.18 -7.37
CA PHE A 116 15.03 19.81 -6.84
C PHE A 116 14.69 20.81 -5.71
N SER A 117 13.71 21.71 -5.96
N SER A 117 13.70 21.70 -5.95
CA SER A 117 13.34 22.71 -4.95
CA SER A 117 13.31 22.70 -4.96
C SER A 117 12.77 22.07 -3.68
C SER A 117 12.76 22.07 -3.68
N VAL A 118 12.02 20.98 -3.82
CA VAL A 118 11.44 20.22 -2.70
C VAL A 118 12.61 19.59 -1.88
N SER A 119 13.63 19.04 -2.59
CA SER A 119 14.80 18.41 -1.94
C SER A 119 15.57 19.44 -1.16
N HIS A 120 15.80 20.64 -1.75
CA HIS A 120 16.50 21.75 -1.11
C HIS A 120 15.81 22.12 0.21
N PHE A 121 14.47 22.19 0.23
CA PHE A 121 13.75 22.51 1.45
C PHE A 121 13.94 21.44 2.52
N CYS A 122 14.13 20.16 2.12
CA CYS A 122 14.39 19.11 3.11
C CYS A 122 15.75 19.38 3.75
N TYR A 123 16.74 19.79 2.94
CA TYR A 123 18.08 20.17 3.38
C TYR A 123 17.98 21.40 4.33
N LEU A 124 17.04 22.35 4.06
CA LEU A 124 16.82 23.55 4.89
C LEU A 124 16.30 23.16 6.27
N LEU A 125 15.36 22.20 6.33
CA LEU A 125 14.81 21.70 7.59
C LEU A 125 15.92 21.03 8.46
N TYR A 126 16.83 20.28 7.83
CA TYR A 126 17.95 19.63 8.51
C TYR A 126 18.94 20.69 9.05
N LYS A 127 19.26 21.71 8.22
CA LYS A 127 20.20 22.76 8.58
C LYS A 127 19.67 23.79 9.57
N ASN A 128 18.37 24.10 9.54
CA ASN A 128 17.76 25.13 10.39
C ASN A 128 16.97 24.62 11.59
N LEU A 129 16.29 23.48 11.45
CA LEU A 129 15.55 22.91 12.57
C LEU A 129 16.45 21.81 13.11
N GLU A 130 16.22 21.30 14.32
CA GLU A 130 17.18 20.28 14.76
C GLU A 130 16.63 18.88 14.51
N LEU A 131 16.54 18.49 13.21
CA LEU A 131 15.99 17.20 12.79
C LEU A 131 16.65 15.98 13.44
N THR A 132 17.99 15.99 13.63
CA THR A 132 18.74 14.88 14.27
C THR A 132 18.29 14.63 15.73
N ASN A 133 17.62 15.61 16.33
CA ASN A 133 17.09 15.58 17.69
C ASN A 133 15.60 15.19 17.69
N TYR A 134 15.08 14.70 16.54
CA TYR A 134 13.68 14.29 16.37
C TYR A 134 13.55 12.96 15.61
N LEU A 135 14.49 12.67 14.70
CA LEU A 135 14.45 11.48 13.86
C LEU A 135 15.83 10.85 13.71
N GLU A 136 15.88 9.57 13.30
CA GLU A 136 17.10 8.81 13.07
C GLU A 136 17.77 9.31 11.80
N ASP A 137 19.10 9.18 11.70
CA ASP A 137 19.85 9.61 10.52
C ASP A 137 19.27 8.97 9.23
N ILE A 138 18.91 7.66 9.30
CA ILE A 138 18.33 6.88 8.20
C ILE A 138 17.00 7.48 7.71
N GLU A 139 16.15 7.98 8.64
CA GLU A 139 14.85 8.56 8.36
C GLU A 139 14.91 9.89 7.62
N ILE A 140 15.90 10.74 7.97
CA ILE A 140 16.15 12.04 7.36
C ILE A 140 16.75 11.83 5.97
N PHE A 141 17.66 10.83 5.84
CA PHE A 141 18.28 10.45 4.57
C PHE A 141 17.20 9.92 3.60
N ALA A 142 16.22 9.17 4.14
CA ALA A 142 15.09 8.59 3.41
C ALA A 142 14.18 9.74 2.96
N LEU A 143 13.97 10.75 3.84
CA LEU A 143 13.14 11.91 3.52
C LEU A 143 13.73 12.66 2.30
N PHE A 144 15.06 12.92 2.30
CA PHE A 144 15.75 13.61 1.22
C PHE A 144 15.68 12.86 -0.11
N ILE A 145 15.98 11.55 -0.11
CA ILE A 145 15.92 10.71 -1.30
C ILE A 145 14.47 10.67 -1.82
N SER A 146 13.51 10.53 -0.92
CA SER A 146 12.09 10.51 -1.26
C SER A 146 11.68 11.85 -1.92
N CYS A 147 12.24 12.99 -1.43
CA CYS A 147 12.00 14.33 -1.98
C CYS A 147 12.42 14.36 -3.45
N MET A 148 13.62 13.82 -3.75
CA MET A 148 14.12 13.80 -5.14
C MET A 148 13.25 12.97 -6.10
N CYS A 149 12.66 11.88 -5.57
CA CYS A 149 11.88 10.85 -6.29
C CYS A 149 10.35 11.01 -6.26
N HIS A 150 9.79 11.82 -5.33
CA HIS A 150 8.36 11.92 -5.01
C HIS A 150 7.41 12.17 -6.18
N ASP A 151 7.87 12.74 -7.31
CA ASP A 151 6.96 13.02 -8.45
C ASP A 151 7.51 12.44 -9.77
N LEU A 152 8.44 11.47 -9.69
CA LEU A 152 9.06 10.89 -10.90
C LEU A 152 8.06 10.47 -11.93
N ASP A 153 8.33 10.82 -13.20
CA ASP A 153 7.49 10.46 -14.35
C ASP A 153 6.06 11.03 -14.29
N HIS A 154 5.85 12.14 -13.54
CA HIS A 154 4.54 12.81 -13.46
C HIS A 154 4.13 13.24 -14.90
N ARG A 155 2.85 13.11 -15.25
CA ARG A 155 2.40 13.41 -16.62
C ARG A 155 1.68 14.76 -16.78
N GLY A 156 1.68 15.57 -15.74
CA GLY A 156 0.96 16.85 -15.76
C GLY A 156 -0.52 16.65 -15.55
N THR A 157 -0.96 15.40 -15.17
CA THR A 157 -2.37 15.08 -14.90
C THR A 157 -2.52 14.46 -13.48
N ASN A 158 -3.71 14.61 -12.86
CA ASN A 158 -3.91 14.14 -11.49
C ASN A 158 -4.43 12.72 -11.41
N ASN A 159 -4.70 12.22 -10.18
CA ASN A 159 -5.21 10.85 -9.99
C ASN A 159 -6.58 10.61 -10.60
N SER A 160 -7.49 11.60 -10.56
CA SER A 160 -8.84 11.41 -11.17
C SER A 160 -8.69 11.21 -12.67
N PHE A 161 -7.78 11.99 -13.31
CA PHE A 161 -7.56 11.87 -14.74
C PHE A 161 -7.09 10.45 -15.14
N GLN A 162 -6.18 9.83 -14.33
CA GLN A 162 -5.69 8.48 -14.65
C GLN A 162 -6.86 7.52 -14.79
N VAL A 163 -7.78 7.54 -13.82
CA VAL A 163 -8.97 6.70 -13.75
C VAL A 163 -9.86 6.98 -14.97
N ALA A 164 -10.23 8.26 -15.23
CA ALA A 164 -11.08 8.65 -16.38
C ALA A 164 -10.49 8.31 -17.73
N SER A 165 -9.16 8.49 -17.90
CA SER A 165 -8.52 8.15 -19.17
C SER A 165 -8.21 6.65 -19.27
N LYS A 166 -8.55 5.89 -18.20
CA LYS A 166 -8.31 4.44 -18.08
C LYS A 166 -6.89 4.08 -18.51
N SER A 167 -5.91 4.82 -17.94
CA SER A 167 -4.47 4.64 -18.22
C SER A 167 -3.98 3.33 -17.63
N VAL A 168 -2.79 2.87 -18.07
CA VAL A 168 -2.12 1.69 -17.54
C VAL A 168 -1.92 1.89 -16.00
N LEU A 169 -1.52 3.11 -15.58
CA LEU A 169 -1.31 3.44 -14.17
C LEU A 169 -2.58 3.24 -13.35
N ALA A 170 -3.75 3.65 -13.86
CA ALA A 170 -5.02 3.44 -13.15
C ALA A 170 -5.34 1.93 -13.06
N ALA A 171 -5.07 1.18 -14.14
CA ALA A 171 -5.29 -0.27 -14.23
C ALA A 171 -4.45 -0.98 -13.14
N LEU A 172 -3.19 -0.56 -12.98
CA LEU A 172 -2.30 -1.14 -11.99
C LEU A 172 -2.63 -0.73 -10.58
N TYR A 173 -2.88 0.57 -10.34
CA TYR A 173 -3.01 1.06 -8.97
C TYR A 173 -4.32 1.63 -8.44
N SER A 174 -5.33 1.99 -9.27
CA SER A 174 -6.54 2.60 -8.68
C SER A 174 -7.20 1.80 -7.55
N SER A 175 -7.30 0.47 -7.66
CA SER A 175 -7.92 -0.36 -6.62
C SER A 175 -7.20 -0.27 -5.28
N GLU A 176 -5.90 0.08 -5.29
CA GLU A 176 -5.07 0.21 -4.09
C GLU A 176 -5.07 1.66 -3.56
N GLY A 177 -5.37 2.63 -4.42
CA GLY A 177 -5.39 4.04 -4.07
C GLY A 177 -4.10 4.76 -4.45
N SER A 178 -4.13 6.12 -4.49
CA SER A 178 -2.97 6.98 -4.80
C SER A 178 -2.19 6.52 -6.06
N VAL A 179 -2.86 6.49 -7.22
CA VAL A 179 -2.29 6.02 -8.51
C VAL A 179 -0.90 6.59 -8.83
N MET A 180 -0.78 7.93 -8.90
CA MET A 180 0.50 8.56 -9.24
C MET A 180 1.58 8.29 -8.22
N GLU A 181 1.25 8.42 -6.93
CA GLU A 181 2.20 8.21 -5.82
C GLU A 181 2.79 6.80 -5.85
N ARG A 182 1.97 5.76 -6.16
CA ARG A 182 2.48 4.38 -6.29
C ARG A 182 3.37 4.29 -7.50
N HIS A 183 3.01 5.01 -8.60
CA HIS A 183 3.85 5.02 -9.80
C HIS A 183 5.21 5.68 -9.52
N HIS A 184 5.22 6.86 -8.86
CA HIS A 184 6.44 7.60 -8.50
C HIS A 184 7.42 6.68 -7.69
N PHE A 185 6.88 5.96 -6.67
CA PHE A 185 7.68 5.04 -5.87
C PHE A 185 8.22 3.89 -6.75
N ALA A 186 7.38 3.34 -7.66
CA ALA A 186 7.78 2.26 -8.59
C ALA A 186 8.94 2.69 -9.49
N GLN A 187 8.90 3.96 -9.95
CA GLN A 187 9.96 4.54 -10.79
C GLN A 187 11.25 4.68 -9.99
N ALA A 188 11.14 5.01 -8.69
CA ALA A 188 12.30 5.18 -7.82
C ALA A 188 12.98 3.81 -7.65
N ILE A 189 12.17 2.73 -7.40
CA ILE A 189 12.64 1.34 -7.27
C ILE A 189 13.34 0.88 -8.57
N ALA A 190 12.78 1.22 -9.75
CA ALA A 190 13.33 0.87 -11.07
C ALA A 190 14.71 1.49 -11.29
N ILE A 191 14.92 2.74 -10.82
CA ILE A 191 16.20 3.44 -10.93
C ILE A 191 17.23 2.72 -10.05
N LEU A 192 16.84 2.38 -8.81
CA LEU A 192 17.66 1.65 -7.84
C LEU A 192 18.09 0.29 -8.40
N ASN A 193 17.18 -0.42 -9.13
CA ASN A 193 17.47 -1.73 -9.72
C ASN A 193 18.14 -1.63 -11.12
N THR A 194 18.62 -0.43 -11.50
CA THR A 194 19.35 -0.20 -12.74
C THR A 194 20.83 -0.39 -12.43
N HIS A 195 21.59 -0.89 -13.42
CA HIS A 195 23.02 -1.18 -13.39
C HIS A 195 23.88 0.05 -13.04
N GLY A 196 24.42 0.04 -11.82
CA GLY A 196 25.30 1.07 -11.28
C GLY A 196 24.63 2.27 -10.64
N CYS A 197 23.36 2.14 -10.24
CA CYS A 197 22.59 3.23 -9.61
C CYS A 197 22.12 2.87 -8.21
N ASN A 198 22.33 1.62 -7.77
CA ASN A 198 21.89 1.24 -6.43
C ASN A 198 22.83 1.83 -5.39
N ILE A 199 22.44 3.00 -4.85
CA ILE A 199 23.19 3.75 -3.83
C ILE A 199 23.21 2.99 -2.52
N PHE A 200 22.21 2.10 -2.32
CA PHE A 200 22.08 1.28 -1.13
C PHE A 200 22.56 -0.18 -1.38
N ASP A 201 23.36 -0.43 -2.44
CA ASP A 201 23.88 -1.77 -2.79
C ASP A 201 24.60 -2.47 -1.63
N HIS A 202 25.52 -1.75 -0.96
CA HIS A 202 26.30 -2.25 0.16
C HIS A 202 25.52 -2.25 1.51
N PHE A 203 24.24 -1.87 1.50
CA PHE A 203 23.40 -1.86 2.70
C PHE A 203 23.01 -3.29 3.10
N SER A 204 22.79 -3.52 4.41
CA SER A 204 22.37 -4.82 4.93
C SER A 204 20.94 -5.09 4.48
N ARG A 205 20.54 -6.37 4.38
CA ARG A 205 19.20 -6.78 3.97
C ARG A 205 18.08 -6.08 4.75
N LYS A 206 18.20 -5.99 6.09
CA LYS A 206 17.18 -5.34 6.95
C LYS A 206 17.15 -3.80 6.82
N ASP A 207 18.32 -3.19 6.52
CA ASP A 207 18.49 -1.74 6.35
C ASP A 207 18.05 -1.31 4.95
N TYR A 208 18.39 -2.12 3.92
CA TYR A 208 18.01 -1.87 2.53
C TYR A 208 16.49 -1.86 2.46
N GLN A 209 15.84 -2.83 3.16
CA GLN A 209 14.38 -2.92 3.20
C GLN A 209 13.77 -1.80 4.03
N ARG A 210 14.53 -1.28 5.01
CA ARG A 210 14.06 -0.20 5.88
C ARG A 210 13.92 1.06 5.00
N MET A 211 14.92 1.30 4.12
CA MET A 211 14.97 2.40 3.17
C MET A 211 13.79 2.35 2.20
N LEU A 212 13.54 1.18 1.57
CA LEU A 212 12.44 0.94 0.63
C LEU A 212 11.10 1.21 1.30
N ASP A 213 10.92 0.77 2.56
CA ASP A 213 9.70 0.97 3.33
C ASP A 213 9.46 2.44 3.74
N LEU A 214 10.55 3.15 4.08
CA LEU A 214 10.46 4.55 4.47
C LEU A 214 10.07 5.36 3.24
N MET A 215 10.77 5.13 2.11
CA MET A 215 10.50 5.79 0.82
C MET A 215 9.07 5.60 0.35
N ARG A 216 8.48 4.41 0.59
CA ARG A 216 7.09 4.11 0.19
C ARG A 216 6.12 4.92 1.00
N ASP A 217 6.27 4.96 2.33
CA ASP A 217 5.34 5.73 3.16
C ASP A 217 5.50 7.22 2.93
N ILE A 218 6.75 7.69 2.77
CA ILE A 218 7.04 9.12 2.54
C ILE A 218 6.42 9.61 1.19
N ILE A 219 6.64 8.87 0.09
CA ILE A 219 6.06 9.19 -1.23
C ILE A 219 4.51 9.12 -1.16
N LEU A 220 3.94 8.13 -0.44
CA LEU A 220 2.50 8.03 -0.35
C LEU A 220 1.87 9.19 0.42
N ALA A 221 2.65 9.81 1.33
CA ALA A 221 2.19 10.94 2.12
C ALA A 221 2.05 12.24 1.26
N THR A 222 2.56 12.26 0.00
CA THR A 222 2.44 13.44 -0.89
C THR A 222 1.03 13.55 -1.57
N ASP A 223 0.15 12.53 -1.40
CA ASP A 223 -1.20 12.58 -1.95
C ASP A 223 -2.05 13.41 -0.96
N LEU A 224 -2.75 14.43 -1.43
CA LEU A 224 -3.61 15.25 -0.57
C LEU A 224 -4.59 14.37 0.22
N ALA A 225 -5.24 13.38 -0.46
CA ALA A 225 -6.18 12.42 0.12
C ALA A 225 -5.62 11.83 1.41
N HIS A 226 -4.32 11.49 1.43
CA HIS A 226 -3.66 10.90 2.60
C HIS A 226 -3.53 11.93 3.73
N HIS A 227 -3.01 13.15 3.41
CA HIS A 227 -2.84 14.25 4.35
C HIS A 227 -4.15 14.54 5.12
N LEU A 228 -5.27 14.63 4.38
CA LEU A 228 -6.63 14.85 4.85
C LEU A 228 -7.09 13.76 5.85
N ARG A 229 -6.57 12.53 5.71
CA ARG A 229 -6.91 11.37 6.56
C ARG A 229 -6.07 11.33 7.83
N ILE A 230 -4.82 11.82 7.78
CA ILE A 230 -3.91 11.81 8.92
C ILE A 230 -3.85 13.13 9.71
N PHE A 231 -4.59 14.17 9.26
CA PHE A 231 -4.59 15.51 9.84
C PHE A 231 -4.91 15.53 11.35
N LYS A 232 -6.02 14.87 11.79
CA LYS A 232 -6.41 14.80 13.20
C LYS A 232 -5.25 14.24 14.05
N ASP A 233 -4.58 13.20 13.52
CA ASP A 233 -3.43 12.56 14.15
C ASP A 233 -2.17 13.45 14.17
N LEU A 234 -2.04 14.36 13.17
CA LEU A 234 -0.90 15.30 13.09
C LEU A 234 -1.08 16.34 14.18
N GLN A 235 -2.30 16.88 14.26
CA GLN A 235 -2.80 17.86 15.21
C GLN A 235 -2.58 17.34 16.66
N LYS A 236 -3.14 16.14 16.98
CA LYS A 236 -2.99 15.47 18.29
C LYS A 236 -1.52 15.26 18.66
N MET A 237 -0.62 15.02 17.67
CA MET A 237 0.81 14.83 17.94
C MET A 237 1.41 16.16 18.43
N ALA A 238 1.01 17.29 17.81
CA ALA A 238 1.46 18.63 18.15
C ALA A 238 0.85 19.10 19.46
N GLU A 239 -0.42 18.71 19.72
CA GLU A 239 -1.23 19.02 20.91
C GLU A 239 -0.64 18.41 22.18
N VAL A 240 -0.13 17.17 22.07
CA VAL A 240 0.47 16.41 23.15
C VAL A 240 1.97 16.75 23.30
N GLY A 241 2.69 16.70 22.18
CA GLY A 241 4.12 16.98 22.15
C GLY A 241 4.88 15.83 21.58
N TYR A 242 5.88 16.14 20.75
CA TYR A 242 6.70 15.14 20.08
C TYR A 242 7.49 14.22 21.03
N ASP A 243 7.57 12.91 20.68
CA ASP A 243 8.24 11.87 21.45
C ASP A 243 9.31 11.14 20.61
N ARG A 244 10.57 11.49 20.85
CA ARG A 244 11.78 10.96 20.20
C ARG A 244 11.88 9.41 20.31
N ASN A 245 11.21 8.82 21.33
CA ASN A 245 11.22 7.37 21.59
C ASN A 245 10.00 6.66 20.99
N ASN A 246 8.95 7.42 20.60
CA ASN A 246 7.73 6.89 20.00
C ASN A 246 7.90 6.74 18.46
N LYS A 247 7.89 5.48 17.98
CA LYS A 247 8.05 5.11 16.56
C LYS A 247 6.95 5.70 15.66
N GLN A 248 5.71 5.76 16.18
CA GLN A 248 4.56 6.31 15.43
C GLN A 248 4.74 7.81 15.22
N HIS A 249 5.31 8.50 16.24
CA HIS A 249 5.59 9.94 16.19
C HIS A 249 6.59 10.23 15.06
N HIS A 250 7.59 9.34 14.87
CA HIS A 250 8.58 9.43 13.81
C HIS A 250 7.88 9.28 12.43
N ARG A 251 6.88 8.36 12.33
CA ARG A 251 6.08 8.09 11.12
C ARG A 251 5.25 9.31 10.72
N LEU A 252 4.52 9.90 11.67
CA LEU A 252 3.67 11.07 11.46
C LEU A 252 4.45 12.35 11.16
N LEU A 253 5.64 12.52 11.79
CA LEU A 253 6.48 13.70 11.59
C LEU A 253 6.98 13.72 10.15
N LEU A 254 7.51 12.58 9.68
CA LEU A 254 7.99 12.38 8.31
C LEU A 254 6.92 12.74 7.25
N CYS A 255 5.63 12.47 7.52
CA CYS A 255 4.53 12.77 6.61
C CYS A 255 4.31 14.28 6.53
N LEU A 256 4.31 14.97 7.72
CA LEU A 256 4.13 16.42 7.78
C LEU A 256 5.32 17.12 7.15
N LEU A 257 6.53 16.60 7.36
CA LEU A 257 7.76 17.16 6.78
C LEU A 257 7.75 17.02 5.26
N MET A 258 7.26 15.89 4.74
CA MET A 258 7.18 15.64 3.30
C MET A 258 6.20 16.66 2.64
N THR A 259 5.01 16.83 3.20
CA THR A 259 4.02 17.79 2.69
C THR A 259 4.54 19.24 2.81
N SER A 260 5.37 19.56 3.84
N SER A 260 5.39 19.54 3.84
CA SER A 260 5.94 20.91 3.99
CA SER A 260 6.00 20.85 4.06
C SER A 260 6.98 21.15 2.89
C SER A 260 7.02 21.14 2.95
N CYS A 261 7.75 20.10 2.51
CA CYS A 261 8.75 20.20 1.43
C CYS A 261 8.00 20.40 0.09
N ASP A 262 6.97 19.59 -0.14
CA ASP A 262 6.15 19.63 -1.37
C ASP A 262 5.50 21.00 -1.63
N LEU A 263 5.06 21.73 -0.58
CA LEU A 263 4.42 23.05 -0.78
C LEU A 263 5.37 24.21 -0.42
N SER A 264 6.69 23.94 -0.31
CA SER A 264 7.70 24.91 0.12
C SER A 264 7.84 26.17 -0.74
N ASP A 265 7.37 26.17 -2.00
CA ASP A 265 7.43 27.39 -2.84
C ASP A 265 6.56 28.50 -2.21
N GLN A 266 5.55 28.11 -1.36
CA GLN A 266 4.65 29.08 -0.69
C GLN A 266 5.33 29.80 0.47
N THR A 267 6.51 29.31 0.89
CA THR A 267 7.23 29.91 2.00
C THR A 267 8.23 30.94 1.48
N LYS A 268 8.30 31.14 0.18
CA LYS A 268 9.24 32.06 -0.44
C LYS A 268 8.57 33.44 -0.60
N GLY A 269 9.16 34.31 -1.43
CA GLY A 269 8.59 35.64 -1.64
C GLY A 269 7.40 35.63 -2.58
N TRP A 270 6.73 36.79 -2.68
CA TRP A 270 5.56 36.96 -3.54
C TRP A 270 5.82 36.55 -4.98
N LYS A 271 6.99 36.88 -5.54
CA LYS A 271 7.33 36.56 -6.93
C LYS A 271 7.33 35.06 -7.23
N THR A 272 7.76 34.24 -6.26
CA THR A 272 7.77 32.78 -6.40
C THR A 272 6.33 32.28 -6.34
N THR A 273 5.52 32.70 -5.34
CA THR A 273 4.15 32.21 -5.27
C THR A 273 3.39 32.58 -6.56
N ARG A 274 3.62 33.79 -7.11
CA ARG A 274 2.96 34.25 -8.34
C ARG A 274 3.39 33.38 -9.55
N LYS A 275 4.71 33.09 -9.69
CA LYS A 275 5.22 32.27 -10.79
C LYS A 275 4.73 30.81 -10.69
N ILE A 276 4.68 30.25 -9.47
CA ILE A 276 4.23 28.87 -9.25
C ILE A 276 2.73 28.76 -9.56
N ALA A 277 1.94 29.82 -9.29
CA ALA A 277 0.52 29.85 -9.62
C ALA A 277 0.38 29.78 -11.14
N GLU A 278 1.21 30.52 -11.85
CA GLU A 278 1.25 30.57 -13.31
C GLU A 278 1.58 29.16 -13.88
N LEU A 279 2.56 28.48 -13.27
CA LEU A 279 2.94 27.14 -13.71
C LEU A 279 1.88 26.10 -13.40
N ILE A 280 1.36 26.08 -12.17
CA ILE A 280 0.35 25.07 -11.81
C ILE A 280 -0.94 25.26 -12.59
N TYR A 281 -1.38 26.51 -12.82
CA TYR A 281 -2.64 26.72 -13.57
C TYR A 281 -2.44 26.44 -15.05
N LYS A 282 -1.23 26.66 -15.60
CA LYS A 282 -1.01 26.29 -17.00
C LYS A 282 -1.14 24.74 -17.10
N GLU A 283 -0.57 24.00 -16.11
CA GLU A 283 -0.63 22.54 -16.10
C GLU A 283 -2.08 22.05 -15.88
N PHE A 284 -2.78 22.61 -14.88
CA PHE A 284 -4.17 22.23 -14.56
C PHE A 284 -5.10 22.49 -15.74
N PHE A 285 -4.93 23.65 -16.42
CA PHE A 285 -5.77 24.06 -17.54
C PHE A 285 -5.58 23.18 -18.75
N SER A 286 -4.32 22.72 -18.99
CA SER A 286 -4.08 21.78 -20.11
C SER A 286 -4.84 20.46 -19.85
N GLN A 287 -4.87 19.95 -18.58
CA GLN A 287 -5.64 18.73 -18.25
C GLN A 287 -7.13 18.98 -18.55
N GLY A 288 -7.66 20.12 -18.12
CA GLY A 288 -9.06 20.48 -18.35
C GLY A 288 -9.43 20.48 -19.83
N ASP A 289 -8.54 21.04 -20.71
CA ASP A 289 -8.73 21.07 -22.18
C ASP A 289 -8.74 19.63 -22.72
N LEU A 290 -7.91 18.75 -22.12
CA LEU A 290 -7.85 17.36 -22.52
C LEU A 290 -9.17 16.65 -22.11
N GLU A 291 -9.70 16.98 -20.90
CA GLU A 291 -10.95 16.36 -20.42
C GLU A 291 -12.12 16.80 -21.29
N LYS A 292 -12.13 18.09 -21.69
CA LYS A 292 -13.15 18.65 -22.59
C LYS A 292 -13.09 17.94 -23.93
N ALA A 293 -11.88 17.68 -24.48
CA ALA A 293 -11.72 16.96 -25.76
C ALA A 293 -12.23 15.51 -25.65
N MET A 294 -12.23 14.97 -24.42
CA MET A 294 -12.68 13.62 -24.12
C MET A 294 -14.19 13.54 -23.90
N GLY A 295 -14.85 14.70 -23.86
CA GLY A 295 -16.29 14.79 -23.66
C GLY A 295 -16.69 14.81 -22.20
N ASN A 296 -15.71 15.14 -21.31
CA ASN A 296 -15.89 15.20 -19.86
C ASN A 296 -15.80 16.63 -19.38
N ARG A 297 -16.48 16.94 -18.26
CA ARG A 297 -16.47 18.25 -17.63
C ARG A 297 -15.35 18.31 -16.57
N PRO A 298 -14.34 19.20 -16.71
CA PRO A 298 -13.27 19.25 -15.70
C PRO A 298 -13.71 19.90 -14.38
N MET A 299 -12.89 19.79 -13.31
CA MET A 299 -13.12 20.45 -12.02
C MET A 299 -13.00 21.95 -12.33
N GLU A 300 -13.63 22.83 -11.52
CA GLU A 300 -13.54 24.28 -11.75
C GLU A 300 -12.09 24.77 -11.89
N MET A 301 -11.20 24.39 -10.96
CA MET A 301 -9.79 24.83 -10.96
C MET A 301 -8.99 24.42 -12.19
N MET A 302 -9.51 23.46 -12.95
CA MET A 302 -8.89 22.92 -14.15
C MET A 302 -9.55 23.42 -15.41
N ASP A 303 -10.60 24.25 -15.24
CA ASP A 303 -11.33 24.83 -16.36
C ASP A 303 -10.94 26.30 -16.48
N ARG A 304 -10.18 26.63 -17.52
CA ARG A 304 -9.70 27.98 -17.80
C ARG A 304 -10.84 28.99 -18.05
N GLU A 305 -12.06 28.49 -18.36
CA GLU A 305 -13.25 29.33 -18.60
C GLU A 305 -14.03 29.55 -17.29
N LYS A 306 -13.64 28.90 -16.19
CA LYS A 306 -14.33 29.02 -14.91
C LYS A 306 -13.43 29.43 -13.76
N ALA A 307 -12.16 29.02 -13.80
CA ALA A 307 -11.21 29.30 -12.74
C ALA A 307 -10.90 30.76 -12.57
N TYR A 308 -10.89 31.22 -11.33
CA TYR A 308 -10.52 32.57 -11.00
C TYR A 308 -9.35 32.34 -10.03
N ILE A 309 -8.12 32.44 -10.56
CA ILE A 309 -6.86 32.13 -9.86
C ILE A 309 -6.72 32.78 -8.45
N PRO A 310 -6.91 34.12 -8.20
CA PRO A 310 -6.75 34.63 -6.83
C PRO A 310 -7.56 33.92 -5.76
N GLU A 311 -8.85 33.63 -6.03
CA GLU A 311 -9.76 32.93 -5.13
C GLU A 311 -9.28 31.49 -4.88
N LEU A 312 -8.83 30.80 -5.94
CA LEU A 312 -8.32 29.43 -5.85
C LEU A 312 -7.08 29.41 -5.03
N GLN A 313 -6.20 30.44 -5.20
CA GLN A 313 -4.98 30.52 -4.42
C GLN A 313 -5.29 30.76 -2.95
N ILE A 314 -6.24 31.67 -2.63
CA ILE A 314 -6.61 31.96 -1.23
C ILE A 314 -7.12 30.68 -0.56
N SER A 315 -8.04 29.95 -1.22
N SER A 315 -8.05 29.96 -1.22
CA SER A 315 -8.61 28.69 -0.72
CA SER A 315 -8.61 28.71 -0.69
C SER A 315 -7.52 27.65 -0.45
C SER A 315 -7.51 27.67 -0.44
N PHE A 316 -6.60 27.47 -1.43
CA PHE A 316 -5.47 26.52 -1.32
C PHE A 316 -4.59 26.95 -0.14
N MET A 317 -4.29 28.24 0.00
CA MET A 317 -3.44 28.68 1.12
C MET A 317 -4.15 28.55 2.47
N GLU A 318 -5.42 28.91 2.58
CA GLU A 318 -6.14 28.79 3.85
C GLU A 318 -6.36 27.35 4.31
N HIS A 319 -6.86 26.48 3.42
CA HIS A 319 -7.21 25.10 3.75
C HIS A 319 -6.11 24.08 3.67
N ILE A 320 -5.12 24.27 2.78
CA ILE A 320 -4.06 23.27 2.66
C ILE A 320 -2.72 23.74 3.21
N ALA A 321 -2.11 24.77 2.60
CA ALA A 321 -0.78 25.25 2.98
C ALA A 321 -0.65 25.85 4.39
N MET A 322 -1.51 26.81 4.76
CA MET A 322 -1.38 27.44 6.09
C MET A 322 -1.48 26.45 7.26
N PRO A 323 -2.44 25.48 7.30
CA PRO A 323 -2.47 24.50 8.41
C PRO A 323 -1.23 23.64 8.51
N ILE A 324 -0.62 23.26 7.36
CA ILE A 324 0.61 22.47 7.35
C ILE A 324 1.75 23.25 8.04
N TYR A 325 1.89 24.54 7.71
CA TYR A 325 2.97 25.33 8.30
C TYR A 325 2.63 25.74 9.74
N LYS A 326 1.33 25.90 10.04
CA LYS A 326 0.89 26.19 11.42
C LYS A 326 1.25 24.99 12.32
N LEU A 327 1.09 23.74 11.81
CA LEU A 327 1.42 22.51 12.53
C LEU A 327 2.92 22.41 12.70
N LEU A 328 3.70 22.81 11.68
CA LEU A 328 5.16 22.77 11.73
C LEU A 328 5.68 23.78 12.80
N GLN A 329 5.01 24.95 12.92
CA GLN A 329 5.34 26.02 13.89
C GLN A 329 5.10 25.52 15.34
N ASP A 330 4.05 24.72 15.55
CA ASP A 330 3.69 24.14 16.84
C ASP A 330 4.71 23.14 17.35
N LEU A 331 5.42 22.45 16.44
CA LEU A 331 6.42 21.44 16.79
C LEU A 331 7.85 21.97 16.76
N PHE A 332 8.10 22.98 15.91
CA PHE A 332 9.41 23.60 15.75
C PHE A 332 9.19 25.10 15.91
N PRO A 333 9.75 25.71 16.98
CA PRO A 333 9.55 27.17 17.18
C PRO A 333 10.19 28.01 16.07
N LYS A 334 11.41 27.61 15.67
CA LYS A 334 12.26 28.21 14.64
C LYS A 334 11.61 28.26 13.22
N ALA A 335 10.50 27.53 13.02
CA ALA A 335 9.75 27.45 11.76
C ALA A 335 8.65 28.51 11.71
N ALA A 336 8.51 29.38 12.76
CA ALA A 336 7.48 30.41 12.79
C ALA A 336 7.53 31.36 11.58
N GLU A 337 8.75 31.67 11.08
CA GLU A 337 8.96 32.55 9.93
C GLU A 337 8.31 31.99 8.64
N LEU A 338 8.34 30.65 8.47
CA LEU A 338 7.74 29.94 7.32
C LEU A 338 6.26 30.21 7.24
N TYR A 339 5.51 29.95 8.34
CA TYR A 339 4.07 30.20 8.45
C TYR A 339 3.71 31.65 8.17
N GLU A 340 4.51 32.61 8.69
CA GLU A 340 4.22 34.04 8.47
C GLU A 340 4.41 34.42 7.00
N ARG A 341 5.43 33.82 6.31
CA ARG A 341 5.60 34.11 4.86
C ARG A 341 4.40 33.55 4.09
N VAL A 342 3.91 32.35 4.46
CA VAL A 342 2.75 31.74 3.79
C VAL A 342 1.51 32.61 4.01
N ALA A 343 1.30 33.09 5.26
CA ALA A 343 0.14 33.97 5.58
C ALA A 343 0.24 35.28 4.80
N SER A 344 1.45 35.86 4.71
CA SER A 344 1.73 37.12 3.98
C SER A 344 1.40 36.97 2.49
N ASN A 345 1.80 35.83 1.88
CA ASN A 345 1.54 35.52 0.47
C ASN A 345 0.03 35.41 0.24
N ARG A 346 -0.68 34.84 1.22
CA ARG A 346 -2.13 34.72 1.19
C ARG A 346 -2.75 36.12 1.21
N GLU A 347 -2.27 37.01 2.11
CA GLU A 347 -2.76 38.39 2.21
C GLU A 347 -2.50 39.13 0.90
N HIS A 348 -1.37 38.82 0.25
CA HIS A 348 -0.98 39.42 -1.04
C HIS A 348 -1.95 39.09 -2.18
N TRP A 349 -2.47 37.83 -2.22
CA TRP A 349 -3.44 37.36 -3.21
C TRP A 349 -4.78 38.11 -3.05
N THR A 350 -5.21 38.40 -1.78
CA THR A 350 -6.44 39.17 -1.51
C THR A 350 -6.22 40.62 -2.03
N LYS A 351 -5.08 41.25 -1.68
CA LYS A 351 -4.71 42.61 -2.10
C LYS A 351 -4.63 42.78 -3.61
N VAL A 352 -4.14 41.75 -4.32
CA VAL A 352 -3.95 41.75 -5.77
C VAL A 352 -5.25 41.45 -6.55
N SER A 353 -6.20 40.68 -5.97
CA SER A 353 -7.47 40.30 -6.62
C SER A 353 -8.21 41.44 -7.37
N HIS A 354 -7.99 42.74 -7.02
CA HIS A 354 -8.64 43.88 -7.70
C HIS A 354 -8.06 44.14 -9.11
N LYS A 355 -6.79 43.78 -9.35
CA LYS A 355 -6.09 43.96 -10.63
C LYS A 355 -6.39 42.79 -11.59
N PHE A 356 -6.65 41.60 -11.01
CA PHE A 356 -6.94 40.35 -11.70
C PHE A 356 -8.46 40.24 -11.74
N THR A 357 -9.08 40.76 -12.80
CA THR A 357 -10.53 40.78 -12.96
C THR A 357 -11.06 39.75 -13.98
N ILE A 358 -10.19 38.81 -14.42
CA ILE A 358 -10.51 37.79 -15.41
C ILE A 358 -10.42 36.35 -14.89
N ARG A 359 -11.11 35.44 -15.59
CA ARG A 359 -11.06 34.02 -15.32
C ARG A 359 -9.89 33.48 -16.14
N GLY A 360 -9.27 32.38 -15.66
CA GLY A 360 -8.15 31.73 -16.30
C GLY A 360 -6.89 32.58 -16.25
N LEU A 361 -6.05 32.45 -17.27
CA LEU A 361 -4.79 33.17 -17.42
C LEU A 361 -4.87 34.10 -18.61
N PRO A 362 -4.04 35.17 -18.67
CA PRO A 362 -4.04 36.04 -19.85
C PRO A 362 -3.58 35.25 -21.07
N SER A 363 -3.92 35.75 -22.26
CA SER A 363 -3.61 35.18 -23.58
C SER A 363 -2.14 34.73 -23.75
N ASN A 364 -1.19 35.31 -22.97
CA ASN A 364 0.24 35.00 -23.02
C ASN A 364 0.72 34.06 -21.90
N ASN A 365 -0.23 33.52 -21.08
CA ASN A 365 0.02 32.60 -19.95
C ASN A 365 0.88 33.22 -18.83
N SER A 366 0.96 34.55 -18.77
CA SER A 366 1.79 35.23 -17.78
C SER A 366 1.03 35.98 -16.71
N LEU A 367 1.57 35.99 -15.48
CA LEU A 367 0.99 36.71 -14.35
C LEU A 367 1.86 37.93 -13.96
N ASP A 368 2.89 38.24 -14.79
CA ASP A 368 3.82 39.36 -14.59
C ASP A 368 3.14 40.72 -14.31
N PHE A 369 1.99 40.99 -14.97
CA PHE A 369 1.21 42.22 -14.83
C PHE A 369 0.78 42.56 -13.39
N LEU A 370 0.64 41.54 -12.52
CA LEU A 370 0.23 41.70 -11.12
C LEU A 370 1.25 42.46 -10.26
N LEU B 16 -17.41 -12.02 28.83
CA LEU B 16 -16.46 -11.42 27.89
C LEU B 16 -15.15 -12.23 27.78
N SER B 17 -14.99 -13.29 28.63
CA SER B 17 -13.83 -14.18 28.66
C SER B 17 -13.67 -14.97 27.36
N THR B 18 -14.78 -15.07 26.59
CA THR B 18 -14.84 -15.76 25.29
C THR B 18 -14.03 -15.01 24.23
N SER B 19 -13.77 -13.70 24.42
CA SER B 19 -13.00 -12.87 23.48
C SER B 19 -11.48 -12.94 23.65
N LEU B 20 -11.01 -13.63 24.70
CA LEU B 20 -9.60 -13.83 25.00
C LEU B 20 -9.09 -15.00 24.16
N TYR B 21 -8.20 -14.69 23.22
CA TYR B 21 -7.61 -15.65 22.29
C TYR B 21 -6.10 -15.45 22.37
N LYS B 22 -5.40 -16.48 22.81
CA LYS B 22 -3.96 -16.47 23.06
C LYS B 22 -3.07 -16.82 21.88
N LYS B 23 -1.79 -16.39 21.97
CA LYS B 23 -0.69 -16.66 21.05
C LYS B 23 0.12 -17.74 21.81
N ALA B 24 0.55 -18.81 21.15
CA ALA B 24 1.33 -19.86 21.83
C ALA B 24 2.75 -19.43 22.19
N GLY B 25 3.31 -18.50 21.42
CA GLY B 25 4.66 -18.01 21.63
C GLY B 25 4.80 -16.51 21.43
N PHE B 26 6.05 -16.09 21.17
CA PHE B 26 6.35 -14.68 20.94
C PHE B 26 6.69 -14.45 19.47
N ASP B 27 6.67 -13.18 19.02
CA ASP B 27 6.98 -12.77 17.64
C ASP B 27 8.49 -12.64 17.44
N GLU B 35 11.37 -29.22 17.30
CA GLU B 35 10.15 -29.25 16.50
C GLU B 35 10.42 -29.43 15.00
N TYR B 36 11.40 -28.67 14.44
CA TYR B 36 11.74 -28.75 13.01
C TYR B 36 12.57 -29.99 12.66
N THR B 37 13.42 -30.47 13.61
CA THR B 37 14.26 -31.65 13.44
C THR B 37 13.39 -32.90 13.26
N LYS B 38 12.32 -33.02 14.08
CA LYS B 38 11.35 -34.12 14.06
C LYS B 38 10.57 -34.13 12.73
N LEU B 39 10.35 -32.93 12.16
CA LEU B 39 9.64 -32.71 10.90
C LEU B 39 10.48 -33.11 9.68
N LEU B 40 11.82 -33.07 9.78
CA LEU B 40 12.68 -33.42 8.64
C LEU B 40 13.34 -34.81 8.77
N HIS B 41 13.09 -35.51 9.90
CA HIS B 41 13.62 -36.83 10.20
C HIS B 41 13.29 -37.89 9.12
N ASP B 42 11.98 -38.06 8.80
CA ASP B 42 11.52 -39.04 7.80
C ASP B 42 11.32 -38.48 6.37
N GLY B 43 11.64 -37.21 6.18
CA GLY B 43 11.53 -36.53 4.89
C GLY B 43 10.14 -36.03 4.59
N ILE B 44 9.96 -35.45 3.39
CA ILE B 44 8.67 -34.92 2.94
C ILE B 44 7.80 -36.06 2.44
N GLN B 45 6.69 -36.30 3.14
CA GLN B 45 5.71 -37.35 2.84
C GLN B 45 5.02 -37.08 1.50
N PRO B 46 4.97 -38.04 0.55
CA PRO B 46 4.25 -37.80 -0.72
C PRO B 46 2.76 -37.53 -0.42
N VAL B 47 2.12 -36.64 -1.21
CA VAL B 47 0.71 -36.23 -0.99
C VAL B 47 -0.27 -37.44 -0.92
N ALA B 48 -0.11 -38.44 -1.79
CA ALA B 48 -0.98 -39.63 -1.82
C ALA B 48 -0.89 -40.46 -0.53
N ALA B 49 0.28 -40.43 0.15
CA ALA B 49 0.51 -41.12 1.44
C ALA B 49 -0.29 -40.39 2.55
N ILE B 50 -0.52 -39.07 2.39
CA ILE B 50 -1.32 -38.34 3.36
C ILE B 50 -2.77 -38.78 3.16
N ASP B 51 -3.26 -38.77 1.91
CA ASP B 51 -4.62 -39.20 1.57
C ASP B 51 -4.72 -39.42 0.08
N SER B 52 -5.36 -40.51 -0.34
CA SER B 52 -5.55 -40.80 -1.78
C SER B 52 -6.43 -39.71 -2.43
N ASN B 53 -7.29 -39.03 -1.65
CA ASN B 53 -8.21 -37.98 -2.12
C ASN B 53 -7.69 -36.54 -1.87
N PHE B 54 -6.42 -36.39 -1.46
CA PHE B 54 -5.83 -35.10 -1.12
C PHE B 54 -5.87 -34.00 -2.18
N ALA B 55 -5.84 -34.36 -3.46
CA ALA B 55 -5.83 -33.43 -4.61
C ALA B 55 -7.21 -33.26 -5.24
N SER B 56 -8.24 -33.77 -4.56
CA SER B 56 -9.62 -33.68 -5.02
C SER B 56 -10.40 -32.58 -4.33
N PHE B 57 -11.32 -31.94 -5.09
CA PHE B 57 -12.23 -30.91 -4.59
C PHE B 57 -13.17 -31.48 -3.50
N THR B 58 -13.28 -32.83 -3.36
CA THR B 58 -14.14 -33.46 -2.33
C THR B 58 -13.43 -33.63 -0.99
N TYR B 59 -12.11 -33.38 -0.95
CA TYR B 59 -11.35 -33.53 0.28
C TYR B 59 -11.69 -32.39 1.20
N THR B 60 -11.77 -32.68 2.49
CA THR B 60 -12.05 -31.68 3.52
C THR B 60 -10.78 -31.56 4.34
N PRO B 61 -9.93 -30.53 4.06
CA PRO B 61 -8.64 -30.40 4.80
C PRO B 61 -8.78 -30.27 6.33
N ARG B 62 -9.94 -29.76 6.79
CA ARG B 62 -10.22 -29.62 8.24
C ARG B 62 -10.31 -31.01 8.94
N SER B 63 -10.37 -32.11 8.17
CA SER B 63 -10.38 -33.49 8.68
C SER B 63 -8.98 -33.92 9.09
N LEU B 64 -7.93 -33.28 8.52
CA LEU B 64 -6.56 -33.66 8.82
C LEU B 64 -6.17 -33.30 10.27
N PRO B 65 -5.58 -34.23 11.08
CA PRO B 65 -5.16 -33.83 12.45
C PRO B 65 -4.26 -32.61 12.36
N GLU B 66 -4.44 -31.65 13.28
CA GLU B 66 -3.68 -30.40 13.34
C GLU B 66 -2.16 -30.62 13.32
N ASP B 67 -1.68 -31.63 14.08
CA ASP B 67 -0.27 -32.00 14.18
C ASP B 67 0.36 -32.43 12.85
N ASP B 68 -0.45 -32.83 11.85
CA ASP B 68 0.02 -33.27 10.52
C ASP B 68 0.06 -32.14 9.46
N THR B 69 -0.61 -31.00 9.75
CA THR B 69 -0.75 -29.87 8.83
C THR B 69 0.58 -29.26 8.36
N SER B 70 1.58 -29.13 9.26
CA SER B 70 2.90 -28.58 8.88
C SER B 70 3.55 -29.42 7.79
N MET B 71 3.54 -30.76 7.98
N MET B 71 3.56 -30.77 7.97
CA MET B 71 4.05 -31.78 7.06
CA MET B 71 4.09 -31.71 6.97
C MET B 71 3.26 -31.70 5.73
C MET B 71 3.26 -31.64 5.68
N ALA B 72 1.91 -31.54 5.80
CA ALA B 72 1.03 -31.45 4.62
C ALA B 72 1.39 -30.21 3.77
N ILE B 73 1.71 -29.07 4.43
CA ILE B 73 2.16 -27.84 3.72
C ILE B 73 3.46 -28.17 2.92
N LEU B 74 4.44 -28.83 3.56
CA LEU B 74 5.70 -29.23 2.87
C LEU B 74 5.40 -30.17 1.68
N SER B 75 4.47 -31.15 1.88
CA SER B 75 4.08 -32.11 0.84
C SER B 75 3.50 -31.41 -0.37
N MET B 76 2.65 -30.39 -0.14
CA MET B 76 2.04 -29.61 -1.21
C MET B 76 3.08 -28.77 -1.96
N LEU B 77 4.01 -28.15 -1.22
CA LEU B 77 5.05 -27.34 -1.83
C LEU B 77 5.94 -28.22 -2.72
N GLN B 78 6.20 -29.45 -2.24
CA GLN B 78 6.98 -30.43 -2.98
C GLN B 78 6.21 -30.86 -4.23
N ASP B 79 4.91 -31.22 -4.08
CA ASP B 79 4.09 -31.71 -5.19
C ASP B 79 3.90 -30.66 -6.29
N MET B 80 3.92 -29.38 -5.91
CA MET B 80 3.78 -28.29 -6.87
C MET B 80 5.17 -27.95 -7.45
N ASN B 81 6.23 -28.69 -7.01
CA ASN B 81 7.63 -28.52 -7.44
C ASN B 81 8.25 -27.15 -7.09
N PHE B 82 7.67 -26.40 -6.13
CA PHE B 82 8.23 -25.10 -5.74
C PHE B 82 9.55 -25.25 -4.96
N ILE B 83 9.71 -26.33 -4.17
CA ILE B 83 10.95 -26.55 -3.40
C ILE B 83 12.14 -26.69 -4.36
N ASN B 84 11.99 -27.55 -5.38
CA ASN B 84 13.00 -27.81 -6.41
C ASN B 84 13.21 -26.61 -7.32
N ASN B 85 12.13 -26.03 -7.90
CA ASN B 85 12.24 -24.89 -8.83
C ASN B 85 12.87 -23.63 -8.24
N TYR B 86 12.64 -23.36 -6.95
CA TYR B 86 13.17 -22.16 -6.30
C TYR B 86 14.31 -22.45 -5.36
N LYS B 87 14.79 -23.71 -5.34
CA LYS B 87 15.92 -24.18 -4.52
C LYS B 87 15.79 -23.80 -3.04
N ILE B 88 14.56 -23.92 -2.49
CA ILE B 88 14.23 -23.60 -1.10
C ILE B 88 14.95 -24.54 -0.15
N ASP B 89 15.59 -23.98 0.88
CA ASP B 89 16.30 -24.75 1.89
C ASP B 89 15.25 -25.41 2.83
N CYS B 90 15.23 -26.76 2.88
CA CYS B 90 14.28 -27.54 3.70
C CYS B 90 14.28 -27.18 5.18
N PRO B 91 15.43 -27.06 5.91
CA PRO B 91 15.36 -26.65 7.33
C PRO B 91 14.72 -25.27 7.51
N THR B 92 15.00 -24.33 6.57
CA THR B 92 14.48 -22.96 6.60
C THR B 92 12.96 -22.97 6.34
N LEU B 93 12.50 -23.79 5.39
CA LEU B 93 11.09 -23.94 5.04
C LEU B 93 10.32 -24.55 6.22
N ALA B 94 10.91 -25.57 6.87
CA ALA B 94 10.34 -26.24 8.03
C ALA B 94 10.19 -25.23 9.17
N ARG B 95 11.22 -24.38 9.38
CA ARG B 95 11.16 -23.35 10.42
C ARG B 95 10.12 -22.29 10.05
N PHE B 96 10.09 -21.85 8.77
CA PHE B 96 9.11 -20.87 8.32
C PHE B 96 7.68 -21.38 8.57
N CYS B 97 7.37 -22.61 8.12
N CYS B 97 7.37 -22.61 8.12
CA CYS B 97 6.04 -23.22 8.28
CA CYS B 97 6.07 -23.23 8.27
C CYS B 97 5.59 -23.28 9.75
C CYS B 97 5.58 -23.30 9.73
N LEU B 98 6.48 -23.68 10.66
CA LEU B 98 6.15 -23.76 12.10
C LEU B 98 5.94 -22.38 12.71
N MET B 99 6.69 -21.36 12.24
CA MET B 99 6.53 -19.98 12.71
C MET B 99 5.16 -19.47 12.25
N VAL B 100 4.80 -19.79 11.01
CA VAL B 100 3.52 -19.33 10.47
C VAL B 100 2.35 -19.91 11.28
N LYS B 101 2.38 -21.23 11.52
CA LYS B 101 1.37 -21.96 12.29
C LYS B 101 1.25 -21.35 13.71
N LYS B 102 2.40 -21.09 14.37
CA LYS B 102 2.47 -20.48 15.72
C LYS B 102 2.02 -18.99 15.71
N GLY B 103 2.06 -18.33 14.53
CA GLY B 103 1.64 -16.94 14.38
C GLY B 103 0.12 -16.76 14.43
N TYR B 104 -0.64 -17.83 14.54
CA TYR B 104 -2.08 -17.73 14.62
C TYR B 104 -2.57 -17.86 16.04
N ARG B 105 -3.60 -17.10 16.38
CA ARG B 105 -4.21 -17.19 17.71
C ARG B 105 -5.27 -18.30 17.67
N ASP B 106 -6.05 -18.49 18.76
CA ASP B 106 -7.07 -19.52 18.74
C ASP B 106 -8.51 -19.00 18.76
N PRO B 107 -8.96 -18.03 17.89
CA PRO B 107 -10.38 -17.66 17.93
C PRO B 107 -11.23 -18.80 17.31
N PRO B 108 -12.58 -18.80 17.38
CA PRO B 108 -13.31 -19.95 16.79
C PRO B 108 -13.06 -20.16 15.29
N TYR B 109 -12.92 -19.09 14.50
CA TYR B 109 -12.73 -19.30 13.07
C TYR B 109 -11.37 -18.90 12.52
N HIS B 110 -10.84 -17.70 12.85
CA HIS B 110 -9.57 -17.21 12.30
C HIS B 110 -8.35 -17.74 13.01
N ASN B 111 -8.17 -19.06 12.94
CA ASN B 111 -7.06 -19.78 13.56
C ASN B 111 -6.23 -20.47 12.48
N TRP B 112 -5.17 -21.20 12.87
CA TRP B 112 -4.33 -21.92 11.89
C TRP B 112 -5.10 -22.89 10.99
N MET B 113 -6.11 -23.62 11.53
CA MET B 113 -6.88 -24.56 10.69
C MET B 113 -7.59 -23.85 9.55
N HIS B 114 -7.97 -22.59 9.74
CA HIS B 114 -8.57 -21.85 8.64
C HIS B 114 -7.45 -21.56 7.60
N ALA B 115 -6.27 -21.05 8.02
CA ALA B 115 -5.17 -20.76 7.07
C ALA B 115 -4.73 -22.03 6.34
N PHE B 116 -4.65 -23.16 7.05
CA PHE B 116 -4.25 -24.41 6.43
C PHE B 116 -5.25 -24.81 5.31
N SER B 117 -6.57 -24.75 5.60
N SER B 117 -6.56 -24.72 5.58
CA SER B 117 -7.62 -25.12 4.63
CA SER B 117 -7.63 -25.08 4.64
C SER B 117 -7.65 -24.19 3.41
C SER B 117 -7.65 -24.18 3.41
N VAL B 118 -7.34 -22.90 3.58
CA VAL B 118 -7.29 -21.92 2.48
C VAL B 118 -6.06 -22.30 1.59
N SER B 119 -4.93 -22.71 2.24
CA SER B 119 -3.69 -23.11 1.53
C SER B 119 -3.92 -24.37 0.71
N HIS B 120 -4.65 -25.33 1.29
CA HIS B 120 -4.98 -26.58 0.62
C HIS B 120 -5.86 -26.28 -0.61
N PHE B 121 -6.80 -25.33 -0.49
CA PHE B 121 -7.63 -25.03 -1.66
C PHE B 121 -6.78 -24.45 -2.80
N CYS B 122 -5.72 -23.70 -2.46
CA CYS B 122 -4.83 -23.11 -3.48
C CYS B 122 -4.16 -24.27 -4.21
N TYR B 123 -3.71 -25.27 -3.46
CA TYR B 123 -3.10 -26.47 -3.99
C TYR B 123 -4.13 -27.19 -4.89
N LEU B 124 -5.43 -27.24 -4.50
CA LEU B 124 -6.47 -27.86 -5.33
C LEU B 124 -6.65 -27.13 -6.66
N LEU B 125 -6.58 -25.79 -6.66
CA LEU B 125 -6.70 -24.98 -7.90
C LEU B 125 -5.53 -25.26 -8.83
N TYR B 126 -4.32 -25.41 -8.26
CA TYR B 126 -3.12 -25.72 -9.01
C TYR B 126 -3.25 -27.10 -9.69
N LYS B 127 -3.73 -28.10 -8.94
CA LYS B 127 -3.89 -29.48 -9.38
C LYS B 127 -5.01 -29.74 -10.36
N ASN B 128 -6.15 -29.06 -10.19
CA ASN B 128 -7.34 -29.27 -10.99
C ASN B 128 -7.60 -28.26 -12.10
N LEU B 129 -7.20 -26.99 -11.92
CA LEU B 129 -7.45 -25.95 -12.92
C LEU B 129 -6.24 -25.62 -13.82
N GLU B 130 -5.11 -26.34 -13.66
CA GLU B 130 -3.90 -26.12 -14.46
C GLU B 130 -3.52 -24.62 -14.45
N LEU B 131 -3.25 -24.07 -13.25
CA LEU B 131 -2.89 -22.66 -13.12
C LEU B 131 -1.62 -22.24 -13.89
N THR B 132 -0.68 -23.20 -14.12
CA THR B 132 0.59 -23.02 -14.85
C THR B 132 0.37 -22.51 -16.27
N ASN B 133 -0.83 -22.72 -16.82
CA ASN B 133 -1.24 -22.25 -18.15
C ASN B 133 -1.83 -20.82 -18.15
N TYR B 134 -2.03 -20.20 -16.96
CA TYR B 134 -2.62 -18.87 -16.84
C TYR B 134 -1.73 -17.87 -16.11
N LEU B 135 -0.94 -18.35 -15.11
CA LEU B 135 -0.07 -17.50 -14.28
C LEU B 135 1.37 -17.98 -14.27
N GLU B 136 2.30 -17.06 -13.95
CA GLU B 136 3.72 -17.36 -13.83
C GLU B 136 3.93 -18.22 -12.59
N ASP B 137 4.98 -19.04 -12.59
CA ASP B 137 5.31 -19.90 -11.47
C ASP B 137 5.52 -19.11 -10.18
N ILE B 138 6.14 -17.92 -10.25
CA ILE B 138 6.34 -17.09 -9.07
C ILE B 138 4.98 -16.59 -8.50
N GLU B 139 4.01 -16.26 -9.37
CA GLU B 139 2.69 -15.78 -8.96
C GLU B 139 1.91 -16.85 -8.17
N ILE B 140 1.95 -18.11 -8.66
CA ILE B 140 1.30 -19.25 -8.00
C ILE B 140 2.00 -19.52 -6.65
N PHE B 141 3.33 -19.44 -6.62
CA PHE B 141 4.12 -19.64 -5.41
C PHE B 141 3.74 -18.59 -4.34
N ALA B 142 3.66 -17.32 -4.76
CA ALA B 142 3.31 -16.20 -3.90
C ALA B 142 1.87 -16.39 -3.36
N LEU B 143 0.93 -16.81 -4.24
CA LEU B 143 -0.46 -17.08 -3.85
C LEU B 143 -0.53 -18.14 -2.70
N PHE B 144 0.20 -19.25 -2.83
CA PHE B 144 0.23 -20.31 -1.80
C PHE B 144 0.79 -19.80 -0.47
N ILE B 145 1.94 -19.10 -0.51
CA ILE B 145 2.57 -18.50 0.68
C ILE B 145 1.62 -17.48 1.34
N SER B 146 0.97 -16.62 0.53
CA SER B 146 0.01 -15.64 1.05
C SER B 146 -1.18 -16.36 1.72
N CYS B 147 -1.67 -17.48 1.16
CA CYS B 147 -2.79 -18.26 1.72
C CYS B 147 -2.45 -18.66 3.15
N MET B 148 -1.19 -19.15 3.39
CA MET B 148 -0.70 -19.55 4.72
C MET B 148 -0.66 -18.37 5.68
N CYS B 149 -0.24 -17.19 5.19
CA CYS B 149 -0.01 -15.98 6.01
C CYS B 149 -1.17 -14.98 6.09
N HIS B 150 -2.20 -15.11 5.24
CA HIS B 150 -3.25 -14.08 5.02
C HIS B 150 -4.06 -13.61 6.26
N ASP B 151 -4.14 -14.40 7.34
CA ASP B 151 -4.90 -13.97 8.52
C ASP B 151 -4.03 -14.03 9.77
N LEU B 152 -2.68 -13.99 9.60
CA LEU B 152 -1.75 -14.05 10.75
C LEU B 152 -2.10 -13.11 11.89
N ASP B 153 -2.06 -13.64 13.13
CA ASP B 153 -2.31 -12.83 14.33
C ASP B 153 -3.70 -12.18 14.40
N HIS B 154 -4.70 -12.77 13.73
CA HIS B 154 -6.09 -12.28 13.73
C HIS B 154 -6.59 -12.39 15.18
N ARG B 155 -7.32 -11.38 15.64
CA ARG B 155 -7.80 -11.30 17.04
C ARG B 155 -9.26 -11.73 17.23
N GLY B 156 -9.91 -12.18 16.16
CA GLY B 156 -11.31 -12.57 16.22
C GLY B 156 -12.21 -11.34 16.12
N THR B 157 -11.64 -10.19 15.69
CA THR B 157 -12.40 -8.95 15.55
C THR B 157 -12.17 -8.37 14.15
N ASN B 158 -13.13 -7.63 13.63
CA ASN B 158 -13.02 -7.02 12.29
C ASN B 158 -12.27 -5.66 12.29
N ASN B 159 -12.16 -5.01 11.12
CA ASN B 159 -11.52 -3.70 10.94
C ASN B 159 -12.22 -2.59 11.71
N SER B 160 -13.57 -2.52 11.66
CA SER B 160 -14.36 -1.50 12.41
C SER B 160 -14.05 -1.57 13.88
N PHE B 161 -13.95 -2.79 14.45
CA PHE B 161 -13.62 -2.95 15.86
C PHE B 161 -12.27 -2.29 16.21
N GLN B 162 -11.24 -2.42 15.33
CA GLN B 162 -9.90 -1.85 15.59
C GLN B 162 -9.97 -0.35 15.86
N VAL B 163 -10.67 0.39 14.99
CA VAL B 163 -10.91 1.84 15.06
C VAL B 163 -11.64 2.18 16.35
N ALA B 164 -12.76 1.47 16.63
CA ALA B 164 -13.59 1.65 17.83
C ALA B 164 -12.85 1.38 19.14
N SER B 165 -12.12 0.25 19.23
CA SER B 165 -11.36 -0.05 20.45
C SER B 165 -10.05 0.75 20.53
N LYS B 166 -9.73 1.59 19.49
CA LYS B 166 -8.53 2.44 19.39
C LYS B 166 -7.24 1.62 19.62
N SER B 167 -7.12 0.48 18.89
CA SER B 167 -5.96 -0.43 18.98
C SER B 167 -4.73 0.16 18.29
N VAL B 168 -3.56 -0.46 18.55
CA VAL B 168 -2.25 -0.15 17.99
C VAL B 168 -2.37 -0.32 16.46
N LEU B 169 -3.11 -1.37 16.01
CA LEU B 169 -3.31 -1.66 14.58
C LEU B 169 -4.04 -0.54 13.89
N ALA B 170 -5.06 0.04 14.55
CA ALA B 170 -5.82 1.17 13.99
C ALA B 170 -4.93 2.41 13.91
N ALA B 171 -4.12 2.67 14.95
CA ALA B 171 -3.19 3.82 14.95
C ALA B 171 -2.19 3.70 13.79
N LEU B 172 -1.69 2.48 13.54
CA LEU B 172 -0.72 2.20 12.48
C LEU B 172 -1.33 2.20 11.08
N TYR B 173 -2.53 1.58 10.89
CA TYR B 173 -3.05 1.41 9.53
C TYR B 173 -4.38 2.02 9.13
N SER B 174 -5.22 2.56 10.04
CA SER B 174 -6.52 3.12 9.61
C SER B 174 -6.42 4.20 8.53
N SER B 175 -5.30 4.99 8.53
CA SER B 175 -5.01 6.04 7.55
C SER B 175 -4.76 5.50 6.13
N GLU B 176 -4.62 4.15 5.99
CA GLU B 176 -4.40 3.51 4.69
C GLU B 176 -5.48 2.46 4.37
N GLY B 177 -6.38 2.19 5.32
CA GLY B 177 -7.46 1.20 5.16
C GLY B 177 -6.99 -0.23 5.32
N SER B 178 -7.93 -1.22 5.26
CA SER B 178 -7.62 -2.67 5.39
C SER B 178 -6.70 -2.91 6.61
N VAL B 179 -7.09 -2.38 7.79
CA VAL B 179 -6.29 -2.46 9.02
C VAL B 179 -5.71 -3.87 9.26
N MET B 180 -6.57 -4.89 9.43
CA MET B 180 -6.14 -6.25 9.72
C MET B 180 -5.28 -6.83 8.64
N GLU B 181 -5.64 -6.63 7.34
CA GLU B 181 -4.88 -7.17 6.19
C GLU B 181 -3.46 -6.65 6.14
N ARG B 182 -3.26 -5.35 6.45
CA ARG B 182 -1.95 -4.71 6.51
C ARG B 182 -1.19 -5.31 7.71
N HIS B 183 -1.89 -5.59 8.83
CA HIS B 183 -1.25 -6.24 9.96
C HIS B 183 -0.80 -7.70 9.59
N HIS B 184 -1.67 -8.48 8.89
CA HIS B 184 -1.35 -9.87 8.45
C HIS B 184 -0.07 -9.90 7.57
N PHE B 185 0.05 -8.97 6.61
CA PHE B 185 1.24 -8.84 5.73
C PHE B 185 2.48 -8.48 6.57
N ALA B 186 2.36 -7.51 7.48
CA ALA B 186 3.48 -7.09 8.37
C ALA B 186 3.97 -8.28 9.23
N GLN B 187 3.03 -9.10 9.75
CA GLN B 187 3.38 -10.29 10.53
C GLN B 187 4.15 -11.32 9.65
N ALA B 188 3.76 -11.48 8.37
CA ALA B 188 4.42 -12.39 7.44
C ALA B 188 5.87 -11.93 7.22
N ILE B 189 6.09 -10.61 7.05
CA ILE B 189 7.42 -10.01 6.84
C ILE B 189 8.28 -10.18 8.07
N ALA B 190 7.70 -10.00 9.27
CA ALA B 190 8.40 -10.17 10.53
C ALA B 190 8.86 -11.63 10.70
N ILE B 191 8.10 -12.63 10.16
CA ILE B 191 8.50 -14.05 10.23
C ILE B 191 9.69 -14.27 9.28
N LEU B 192 9.61 -13.72 8.04
CA LEU B 192 10.71 -13.82 7.05
C LEU B 192 12.01 -13.21 7.60
N ASN B 193 11.89 -12.10 8.33
CA ASN B 193 13.02 -11.40 8.95
C ASN B 193 13.50 -12.07 10.23
N THR B 194 12.88 -13.18 10.65
CA THR B 194 13.29 -13.90 11.85
C THR B 194 14.42 -14.83 11.44
N HIS B 195 15.48 -14.87 12.26
CA HIS B 195 16.67 -15.69 12.01
C HIS B 195 16.36 -17.14 11.62
N GLY B 196 16.87 -17.56 10.47
CA GLY B 196 16.68 -18.91 9.94
C GLY B 196 15.31 -19.22 9.34
N CYS B 197 14.48 -18.20 9.04
CA CYS B 197 13.13 -18.40 8.48
C CYS B 197 12.93 -17.76 7.13
N ASN B 198 13.96 -17.07 6.57
CA ASN B 198 13.80 -16.43 5.27
C ASN B 198 13.98 -17.40 4.11
N ILE B 199 12.86 -18.01 3.69
CA ILE B 199 12.81 -18.96 2.58
C ILE B 199 13.19 -18.32 1.23
N PHE B 200 13.20 -16.98 1.16
CA PHE B 200 13.55 -16.22 -0.06
C PHE B 200 14.92 -15.46 0.04
N ASP B 201 15.72 -15.63 1.12
CA ASP B 201 16.98 -14.89 1.30
C ASP B 201 18.04 -15.05 0.17
N HIS B 202 17.91 -16.08 -0.68
CA HIS B 202 18.84 -16.34 -1.79
C HIS B 202 18.32 -15.72 -3.13
N PHE B 203 17.08 -15.19 -3.15
CA PHE B 203 16.51 -14.57 -4.35
C PHE B 203 17.25 -13.29 -4.69
N SER B 204 17.26 -12.93 -6.00
CA SER B 204 17.90 -11.69 -6.49
C SER B 204 17.02 -10.50 -5.96
N ARG B 205 17.59 -9.29 -5.83
CA ARG B 205 16.86 -8.11 -5.37
C ARG B 205 15.54 -7.91 -6.10
N LYS B 206 15.53 -8.06 -7.41
CA LYS B 206 14.32 -7.93 -8.22
C LYS B 206 13.28 -9.02 -7.88
N ASP B 207 13.73 -10.27 -7.69
CA ASP B 207 12.85 -11.39 -7.36
C ASP B 207 12.30 -11.28 -5.94
N TYR B 208 13.13 -10.84 -5.01
CA TYR B 208 12.77 -10.63 -3.62
C TYR B 208 11.65 -9.59 -3.51
N GLN B 209 11.81 -8.46 -4.22
CA GLN B 209 10.87 -7.34 -4.31
C GLN B 209 9.55 -7.83 -4.94
N ARG B 210 9.65 -8.58 -6.05
N ARG B 210 9.62 -8.56 -6.07
CA ARG B 210 8.52 -9.14 -6.80
CA ARG B 210 8.44 -9.08 -6.77
C ARG B 210 7.65 -10.00 -5.88
C ARG B 210 7.61 -9.99 -5.84
N MET B 211 8.28 -10.89 -5.11
CA MET B 211 7.65 -11.81 -4.16
C MET B 211 6.94 -11.07 -3.01
N LEU B 212 7.59 -10.06 -2.41
CA LEU B 212 6.98 -9.33 -1.29
C LEU B 212 5.81 -8.45 -1.72
N ASP B 213 5.89 -7.89 -2.94
CA ASP B 213 4.86 -7.05 -3.54
C ASP B 213 3.67 -7.93 -3.89
N LEU B 214 3.94 -9.18 -4.34
CA LEU B 214 2.89 -10.14 -4.68
C LEU B 214 2.17 -10.48 -3.42
N MET B 215 2.92 -10.85 -2.36
CA MET B 215 2.33 -11.16 -1.06
C MET B 215 1.51 -10.01 -0.51
N ARG B 216 1.99 -8.75 -0.64
CA ARG B 216 1.27 -7.57 -0.15
C ARG B 216 -0.07 -7.45 -0.86
N ASP B 217 -0.05 -7.45 -2.20
CA ASP B 217 -1.26 -7.32 -3.03
C ASP B 217 -2.26 -8.46 -2.80
N ILE B 218 -1.76 -9.69 -2.65
CA ILE B 218 -2.62 -10.88 -2.47
C ILE B 218 -3.31 -10.84 -1.10
N ILE B 219 -2.55 -10.54 -0.03
CA ILE B 219 -3.12 -10.44 1.33
C ILE B 219 -4.16 -9.30 1.36
N LEU B 220 -3.86 -8.10 0.76
CA LEU B 220 -4.81 -6.99 0.71
C LEU B 220 -6.10 -7.32 -0.02
N ALA B 221 -6.03 -8.28 -0.99
CA ALA B 221 -7.17 -8.76 -1.76
C ALA B 221 -8.20 -9.50 -0.89
N THR B 222 -7.81 -9.95 0.33
CA THR B 222 -8.73 -10.66 1.24
C THR B 222 -9.68 -9.71 1.98
N ASP B 223 -9.49 -8.36 1.83
CA ASP B 223 -10.41 -7.40 2.44
C ASP B 223 -11.64 -7.35 1.48
N LEU B 224 -12.86 -7.57 2.00
CA LEU B 224 -14.09 -7.54 1.18
C LEU B 224 -14.26 -6.22 0.41
N ALA B 225 -13.89 -5.09 1.04
CA ALA B 225 -13.97 -3.75 0.41
C ALA B 225 -13.13 -3.77 -0.84
N HIS B 226 -11.94 -4.45 -0.83
CA HIS B 226 -11.08 -4.54 -2.02
C HIS B 226 -11.79 -5.34 -3.11
N HIS B 227 -12.33 -6.53 -2.76
CA HIS B 227 -13.06 -7.38 -3.72
C HIS B 227 -14.21 -6.58 -4.39
N LEU B 228 -14.99 -5.83 -3.59
CA LEU B 228 -16.09 -5.01 -4.11
C LEU B 228 -15.60 -3.89 -5.06
N ARG B 229 -14.39 -3.31 -4.81
CA ARG B 229 -13.81 -2.25 -5.68
C ARG B 229 -13.42 -2.77 -7.05
N ILE B 230 -12.95 -4.04 -7.13
CA ILE B 230 -12.52 -4.65 -8.40
C ILE B 230 -13.60 -5.52 -9.06
N PHE B 231 -14.70 -5.80 -8.39
CA PHE B 231 -15.76 -6.67 -8.90
C PHE B 231 -16.12 -6.41 -10.38
N LYS B 232 -16.36 -5.13 -10.77
CA LYS B 232 -16.70 -4.75 -12.14
C LYS B 232 -15.59 -5.11 -13.11
N ASP B 233 -14.32 -4.91 -12.71
CA ASP B 233 -13.13 -5.25 -13.51
C ASP B 233 -13.00 -6.77 -13.69
N LEU B 234 -13.43 -7.57 -12.68
CA LEU B 234 -13.36 -9.04 -12.75
C LEU B 234 -14.40 -9.53 -13.77
N GLN B 235 -15.62 -8.96 -13.72
CA GLN B 235 -16.73 -9.28 -14.63
C GLN B 235 -16.31 -8.98 -16.06
N LYS B 236 -15.67 -7.80 -16.27
CA LYS B 236 -15.17 -7.37 -17.58
C LYS B 236 -14.13 -8.37 -18.10
N MET B 237 -13.17 -8.78 -17.25
CA MET B 237 -12.13 -9.75 -17.63
C MET B 237 -12.75 -11.11 -18.05
N ALA B 238 -13.76 -11.61 -17.30
CA ALA B 238 -14.41 -12.89 -17.59
C ALA B 238 -15.24 -12.77 -18.86
N GLU B 239 -15.87 -11.61 -19.07
CA GLU B 239 -16.69 -11.31 -20.24
C GLU B 239 -15.86 -11.32 -21.53
N VAL B 240 -14.71 -10.60 -21.57
CA VAL B 240 -13.86 -10.54 -22.79
C VAL B 240 -12.98 -11.77 -22.97
N GLY B 241 -12.69 -12.47 -21.89
CA GLY B 241 -11.83 -13.65 -21.92
C GLY B 241 -10.45 -13.35 -21.38
N TYR B 242 -9.89 -14.27 -20.59
CA TYR B 242 -8.56 -14.14 -19.98
C TYR B 242 -7.44 -14.07 -21.02
N ASP B 243 -6.52 -13.12 -20.85
CA ASP B 243 -5.36 -12.91 -21.71
C ASP B 243 -4.09 -13.07 -20.87
N ARG B 244 -3.40 -14.21 -21.02
CA ARG B 244 -2.16 -14.54 -20.30
C ARG B 244 -1.01 -13.56 -20.61
N ASN B 245 -1.15 -12.72 -21.66
CA ASN B 245 -0.14 -11.71 -21.99
C ASN B 245 -0.46 -10.35 -21.34
N ASN B 246 -1.69 -10.19 -20.81
CA ASN B 246 -2.13 -8.96 -20.14
C ASN B 246 -1.78 -9.04 -18.63
N LYS B 247 -0.93 -8.09 -18.16
CA LYS B 247 -0.48 -8.00 -16.77
C LYS B 247 -1.62 -7.70 -15.80
N GLN B 248 -2.56 -6.81 -16.17
CA GLN B 248 -3.69 -6.49 -15.30
C GLN B 248 -4.55 -7.75 -15.08
N HIS B 249 -4.69 -8.62 -16.11
CA HIS B 249 -5.45 -9.88 -16.02
C HIS B 249 -4.82 -10.83 -15.01
N HIS B 250 -3.48 -10.83 -14.89
CA HIS B 250 -2.79 -11.68 -13.92
C HIS B 250 -3.11 -11.15 -12.50
N ARG B 251 -3.01 -9.81 -12.30
CA ARG B 251 -3.29 -9.13 -11.02
C ARG B 251 -4.72 -9.45 -10.57
N LEU B 252 -5.68 -9.25 -11.46
CA LEU B 252 -7.11 -9.49 -11.21
C LEU B 252 -7.36 -10.97 -10.90
N LEU B 253 -6.76 -11.89 -11.68
CA LEU B 253 -6.92 -13.33 -11.48
C LEU B 253 -6.39 -13.74 -10.11
N LEU B 254 -5.23 -13.18 -9.68
CA LEU B 254 -4.67 -13.47 -8.36
C LEU B 254 -5.62 -13.08 -7.22
N CYS B 255 -6.28 -11.90 -7.34
CA CYS B 255 -7.26 -11.40 -6.35
C CYS B 255 -8.45 -12.33 -6.26
N LEU B 256 -8.96 -12.76 -7.43
CA LEU B 256 -10.11 -13.67 -7.52
C LEU B 256 -9.77 -15.04 -6.90
N LEU B 257 -8.59 -15.59 -7.25
CA LEU B 257 -8.15 -16.87 -6.71
C LEU B 257 -7.99 -16.80 -5.21
N MET B 258 -7.41 -15.71 -4.72
CA MET B 258 -7.23 -15.55 -3.28
C MET B 258 -8.60 -15.52 -2.58
N THR B 259 -9.57 -14.76 -3.12
CA THR B 259 -10.90 -14.76 -2.48
C THR B 259 -11.58 -16.13 -2.57
N SER B 260 -11.35 -16.90 -3.66
N SER B 260 -11.37 -16.90 -3.67
CA SER B 260 -11.90 -18.24 -3.87
CA SER B 260 -11.95 -18.24 -3.83
C SER B 260 -11.33 -19.24 -2.84
C SER B 260 -11.36 -19.21 -2.79
N CYS B 261 -10.07 -19.03 -2.41
CA CYS B 261 -9.40 -19.87 -1.39
C CYS B 261 -9.95 -19.50 0.00
N ASP B 262 -10.04 -18.19 0.27
CA ASP B 262 -10.54 -17.68 1.57
C ASP B 262 -11.96 -18.19 1.91
N LEU B 263 -12.83 -18.34 0.90
CA LEU B 263 -14.22 -18.81 1.13
C LEU B 263 -14.44 -20.26 0.74
N SER B 264 -13.34 -21.00 0.52
CA SER B 264 -13.40 -22.38 0.03
C SER B 264 -14.19 -23.38 0.88
N ASP B 265 -14.41 -23.11 2.19
CA ASP B 265 -15.24 -23.99 3.04
C ASP B 265 -16.68 -24.13 2.47
N GLN B 266 -17.17 -23.10 1.74
CA GLN B 266 -18.51 -23.06 1.11
C GLN B 266 -18.64 -24.03 -0.06
N THR B 267 -17.49 -24.52 -0.61
CA THR B 267 -17.49 -25.47 -1.73
C THR B 267 -17.47 -26.93 -1.21
N LYS B 268 -17.53 -27.14 0.11
CA LYS B 268 -17.50 -28.50 0.66
C LYS B 268 -18.97 -28.99 0.93
N GLY B 269 -19.14 -30.08 1.67
CA GLY B 269 -20.48 -30.59 1.96
C GLY B 269 -21.33 -29.71 2.87
N TRP B 270 -22.56 -30.15 3.17
CA TRP B 270 -23.46 -29.41 4.06
C TRP B 270 -22.89 -29.29 5.46
N LYS B 271 -22.30 -30.38 5.95
CA LYS B 271 -21.71 -30.46 7.29
C LYS B 271 -20.60 -29.40 7.49
N THR B 272 -19.83 -29.08 6.44
CA THR B 272 -18.79 -28.06 6.54
C THR B 272 -19.44 -26.67 6.61
N THR B 273 -20.38 -26.33 5.69
CA THR B 273 -21.01 -25.01 5.74
C THR B 273 -21.73 -24.77 7.12
N ARG B 274 -22.36 -25.83 7.69
CA ARG B 274 -23.07 -25.76 8.97
C ARG B 274 -22.09 -25.51 10.11
N LYS B 275 -20.99 -26.30 10.17
CA LYS B 275 -19.94 -26.14 11.20
C LYS B 275 -19.24 -24.75 11.10
N ILE B 276 -18.92 -24.28 9.89
CA ILE B 276 -18.23 -23.00 9.69
C ILE B 276 -19.17 -21.79 10.04
N ALA B 277 -20.48 -21.95 9.87
CA ALA B 277 -21.46 -20.92 10.26
C ALA B 277 -21.42 -20.80 11.81
N GLU B 278 -21.37 -21.94 12.50
CA GLU B 278 -21.31 -22.00 13.96
C GLU B 278 -20.02 -21.31 14.45
N LEU B 279 -18.87 -21.61 13.79
CA LEU B 279 -17.61 -20.98 14.18
C LEU B 279 -17.58 -19.49 13.94
N ILE B 280 -18.01 -19.03 12.75
CA ILE B 280 -17.97 -17.60 12.45
C ILE B 280 -18.95 -16.80 13.32
N TYR B 281 -20.14 -17.34 13.64
CA TYR B 281 -21.10 -16.60 14.47
C TYR B 281 -20.68 -16.61 15.92
N LYS B 282 -20.02 -17.66 16.41
CA LYS B 282 -19.48 -17.69 17.77
C LYS B 282 -18.43 -16.55 17.86
N GLU B 283 -17.58 -16.40 16.82
CA GLU B 283 -16.54 -15.37 16.80
C GLU B 283 -17.20 -13.96 16.67
N PHE B 284 -18.13 -13.77 15.71
CA PHE B 284 -18.84 -12.50 15.50
C PHE B 284 -19.62 -12.07 16.76
N PHE B 285 -20.38 -12.99 17.39
CA PHE B 285 -21.17 -12.71 18.60
C PHE B 285 -20.30 -12.35 19.81
N SER B 286 -19.09 -12.94 19.93
CA SER B 286 -18.17 -12.57 21.03
C SER B 286 -17.73 -11.13 20.83
N GLN B 287 -17.48 -10.69 19.56
CA GLN B 287 -17.13 -9.30 19.27
C GLN B 287 -18.32 -8.40 19.62
N GLY B 288 -19.53 -8.81 19.22
CA GLY B 288 -20.77 -8.08 19.50
C GLY B 288 -20.94 -7.84 20.99
N ASP B 289 -20.71 -8.89 21.83
CA ASP B 289 -20.77 -8.86 23.30
C ASP B 289 -19.76 -7.90 23.87
N LEU B 290 -18.54 -7.90 23.31
CA LEU B 290 -17.45 -7.04 23.73
C LEU B 290 -17.80 -5.59 23.43
N GLU B 291 -18.36 -5.33 22.24
CA GLU B 291 -18.78 -3.98 21.83
C GLU B 291 -19.89 -3.47 22.79
N LYS B 292 -20.81 -4.37 23.22
CA LYS B 292 -21.93 -4.05 24.13
C LYS B 292 -21.41 -3.69 25.53
N ALA B 293 -20.32 -4.35 25.97
CA ALA B 293 -19.68 -4.09 27.27
C ALA B 293 -18.94 -2.73 27.22
N MET B 294 -18.63 -2.23 26.01
CA MET B 294 -17.94 -0.96 25.75
C MET B 294 -18.94 0.21 25.56
N GLY B 295 -20.22 -0.08 25.68
CA GLY B 295 -21.29 0.91 25.53
C GLY B 295 -21.68 1.19 24.10
N ASN B 296 -21.24 0.34 23.17
CA ASN B 296 -21.54 0.51 21.75
C ASN B 296 -22.52 -0.55 21.24
N ARG B 297 -23.14 -0.30 20.09
CA ARG B 297 -24.06 -1.27 19.50
C ARG B 297 -23.43 -1.92 18.26
N PRO B 298 -23.28 -3.25 18.25
CA PRO B 298 -22.65 -3.91 17.09
C PRO B 298 -23.53 -3.96 15.83
N MET B 299 -22.97 -4.48 14.71
CA MET B 299 -23.69 -4.69 13.45
C MET B 299 -24.73 -5.78 13.78
N GLU B 300 -25.82 -5.87 13.01
CA GLU B 300 -26.85 -6.89 13.21
C GLU B 300 -26.24 -8.30 13.25
N MET B 301 -25.39 -8.64 12.26
CA MET B 301 -24.73 -9.95 12.14
C MET B 301 -23.78 -10.30 13.29
N MET B 302 -23.43 -9.31 14.15
CA MET B 302 -22.57 -9.53 15.31
C MET B 302 -23.37 -9.46 16.60
N ASP B 303 -24.68 -9.11 16.51
CA ASP B 303 -25.58 -9.02 17.67
C ASP B 303 -26.38 -10.32 17.82
N ARG B 304 -26.00 -11.17 18.79
CA ARG B 304 -26.65 -12.46 19.06
C ARG B 304 -28.14 -12.36 19.41
N GLU B 305 -28.61 -11.15 19.71
CA GLU B 305 -30.01 -10.92 20.05
C GLU B 305 -30.79 -10.46 18.82
N LYS B 306 -30.10 -10.19 17.69
CA LYS B 306 -30.74 -9.72 16.44
C LYS B 306 -30.44 -10.54 15.20
N ALA B 307 -29.26 -11.18 15.14
CA ALA B 307 -28.82 -11.96 13.98
C ALA B 307 -29.65 -13.22 13.75
N TYR B 308 -30.18 -13.38 12.53
CA TYR B 308 -30.94 -14.57 12.15
C TYR B 308 -30.03 -15.30 11.15
N ILE B 309 -29.29 -16.30 11.65
CA ILE B 309 -28.27 -17.08 10.93
C ILE B 309 -28.72 -17.59 9.52
N PRO B 310 -29.88 -18.28 9.29
CA PRO B 310 -30.21 -18.69 7.92
C PRO B 310 -30.22 -17.54 6.91
N GLU B 311 -30.85 -16.41 7.26
CA GLU B 311 -30.89 -15.26 6.35
C GLU B 311 -29.50 -14.64 6.12
N LEU B 312 -28.67 -14.60 7.17
CA LEU B 312 -27.33 -14.04 7.02
C LEU B 312 -26.48 -14.94 6.12
N GLN B 313 -26.64 -16.27 6.29
CA GLN B 313 -25.94 -17.27 5.44
C GLN B 313 -26.45 -17.16 4.00
N ILE B 314 -27.78 -17.02 3.80
CA ILE B 314 -28.36 -16.92 2.45
C ILE B 314 -27.83 -15.66 1.73
N SER B 315 -27.78 -14.54 2.43
CA SER B 315 -27.29 -13.26 1.90
C SER B 315 -25.80 -13.35 1.55
N PHE B 316 -24.99 -13.86 2.48
CA PHE B 316 -23.56 -14.02 2.21
C PHE B 316 -23.37 -14.96 0.99
N MET B 317 -24.11 -16.08 0.94
CA MET B 317 -24.02 -17.03 -0.17
C MET B 317 -24.38 -16.42 -1.52
N GLU B 318 -25.52 -15.73 -1.60
CA GLU B 318 -26.03 -15.11 -2.83
C GLU B 318 -25.21 -13.93 -3.31
N HIS B 319 -24.88 -13.01 -2.41
CA HIS B 319 -24.17 -11.77 -2.76
C HIS B 319 -22.65 -11.82 -2.71
N ILE B 320 -22.07 -12.70 -1.89
CA ILE B 320 -20.61 -12.77 -1.78
C ILE B 320 -20.03 -14.04 -2.40
N ALA B 321 -20.28 -15.20 -1.80
CA ALA B 321 -19.68 -16.45 -2.25
C ALA B 321 -20.07 -16.90 -3.67
N MET B 322 -21.37 -16.85 -4.02
CA MET B 322 -21.81 -17.32 -5.35
C MET B 322 -21.23 -16.50 -6.50
N PRO B 323 -21.24 -15.15 -6.53
CA PRO B 323 -20.65 -14.44 -7.68
C PRO B 323 -19.15 -14.72 -7.92
N ILE B 324 -18.38 -14.98 -6.85
CA ILE B 324 -16.94 -15.31 -6.90
C ILE B 324 -16.76 -16.67 -7.61
N TYR B 325 -17.52 -17.69 -7.23
CA TYR B 325 -17.40 -19.00 -7.89
C TYR B 325 -18.00 -19.01 -9.29
N LYS B 326 -19.00 -18.12 -9.55
CA LYS B 326 -19.59 -17.98 -10.89
C LYS B 326 -18.49 -17.39 -11.77
N LEU B 327 -17.76 -16.38 -11.27
CA LEU B 327 -16.64 -15.76 -11.99
C LEU B 327 -15.56 -16.80 -12.27
N LEU B 328 -15.27 -17.67 -11.27
CA LEU B 328 -14.27 -18.73 -11.40
C LEU B 328 -14.70 -19.72 -12.49
N GLN B 329 -15.97 -20.11 -12.49
CA GLN B 329 -16.55 -21.03 -13.48
C GLN B 329 -16.45 -20.42 -14.91
N ASP B 330 -16.79 -19.12 -15.07
CA ASP B 330 -16.74 -18.41 -16.38
C ASP B 330 -15.32 -18.42 -16.97
N LEU B 331 -14.30 -18.33 -16.11
CA LEU B 331 -12.90 -18.36 -16.54
C LEU B 331 -12.36 -19.78 -16.63
N PHE B 332 -12.84 -20.71 -15.78
CA PHE B 332 -12.38 -22.10 -15.75
C PHE B 332 -13.56 -23.05 -15.78
N PRO B 333 -13.88 -23.67 -16.95
CA PRO B 333 -15.04 -24.60 -17.00
C PRO B 333 -14.97 -25.74 -15.98
N LYS B 334 -13.75 -26.21 -15.64
CA LYS B 334 -13.54 -27.27 -14.65
C LYS B 334 -13.94 -26.83 -13.22
N ALA B 335 -14.15 -25.50 -13.00
CA ALA B 335 -14.56 -24.96 -11.70
C ALA B 335 -16.08 -24.98 -11.53
N ALA B 336 -16.84 -25.44 -12.57
CA ALA B 336 -18.31 -25.49 -12.53
C ALA B 336 -18.85 -26.26 -11.33
N GLU B 337 -18.21 -27.39 -10.99
CA GLU B 337 -18.61 -28.19 -9.84
C GLU B 337 -18.53 -27.38 -8.51
N LEU B 338 -17.63 -26.37 -8.42
CA LEU B 338 -17.48 -25.54 -7.20
C LEU B 338 -18.69 -24.61 -7.04
N TYR B 339 -19.09 -23.92 -8.12
CA TYR B 339 -20.24 -23.02 -8.13
C TYR B 339 -21.51 -23.82 -7.77
N GLU B 340 -21.68 -25.02 -8.37
CA GLU B 340 -22.85 -25.89 -8.12
C GLU B 340 -22.95 -26.28 -6.66
N ARG B 341 -21.80 -26.60 -6.04
CA ARG B 341 -21.77 -26.94 -4.63
C ARG B 341 -22.13 -25.72 -3.75
N VAL B 342 -21.65 -24.50 -4.10
CA VAL B 342 -21.96 -23.27 -3.36
C VAL B 342 -23.49 -22.98 -3.46
N ALA B 343 -24.06 -23.11 -4.69
CA ALA B 343 -25.50 -22.88 -4.94
C ALA B 343 -26.36 -23.88 -4.16
N SER B 344 -25.91 -25.15 -4.06
CA SER B 344 -26.57 -26.24 -3.32
C SER B 344 -26.60 -25.95 -1.81
N ASN B 345 -25.50 -25.39 -1.26
CA ASN B 345 -25.39 -25.01 0.14
C ASN B 345 -26.34 -23.86 0.43
N ARG B 346 -26.49 -22.92 -0.52
CA ARG B 346 -27.41 -21.79 -0.43
C ARG B 346 -28.87 -22.34 -0.38
N GLU B 347 -29.19 -23.36 -1.22
CA GLU B 347 -30.52 -23.98 -1.25
C GLU B 347 -30.83 -24.69 0.07
N HIS B 348 -29.81 -25.37 0.66
CA HIS B 348 -29.91 -26.07 1.94
C HIS B 348 -30.17 -25.06 3.10
N TRP B 349 -29.59 -23.83 3.06
CA TRP B 349 -29.84 -22.81 4.08
C TRP B 349 -31.29 -22.29 3.94
N THR B 350 -31.81 -22.26 2.70
CA THR B 350 -33.20 -21.85 2.40
C THR B 350 -34.18 -22.85 3.02
N LYS B 351 -33.88 -24.15 2.92
CA LYS B 351 -34.66 -25.23 3.49
C LYS B 351 -34.64 -25.12 5.03
N VAL B 352 -33.48 -24.78 5.62
CA VAL B 352 -33.25 -24.58 7.07
C VAL B 352 -34.09 -23.38 7.60
N SER B 353 -34.18 -22.29 6.79
CA SER B 353 -34.95 -21.10 7.16
C SER B 353 -36.46 -21.39 7.32
N HIS B 354 -36.94 -22.48 6.65
CA HIS B 354 -38.34 -22.94 6.71
C HIS B 354 -38.60 -23.80 7.98
N LYS B 355 -37.63 -23.84 8.93
CA LYS B 355 -37.74 -24.61 10.18
C LYS B 355 -36.81 -24.12 11.31
N PHE B 356 -36.15 -22.97 11.12
CA PHE B 356 -35.25 -22.41 12.13
C PHE B 356 -35.94 -21.21 12.74
N THR B 357 -36.32 -21.29 14.03
CA THR B 357 -37.06 -20.20 14.63
C THR B 357 -36.45 -19.64 15.90
N ILE B 358 -35.22 -19.06 15.80
CA ILE B 358 -34.46 -18.41 16.88
C ILE B 358 -33.46 -17.38 16.33
N ARG B 359 -33.17 -16.35 17.13
CA ARG B 359 -32.17 -15.34 16.80
C ARG B 359 -30.86 -15.78 17.49
N GLY B 360 -29.73 -15.53 16.84
CA GLY B 360 -28.41 -15.91 17.31
C GLY B 360 -28.22 -17.40 17.22
N LEU B 361 -27.47 -17.96 18.16
CA LEU B 361 -27.17 -19.39 18.24
C LEU B 361 -27.94 -19.98 19.40
N PRO B 362 -28.18 -21.32 19.45
CA PRO B 362 -28.87 -21.88 20.63
C PRO B 362 -27.97 -21.79 21.87
N SER B 363 -28.53 -22.02 23.07
CA SER B 363 -27.83 -21.96 24.36
C SER B 363 -26.59 -22.85 24.45
N ASN B 364 -26.62 -24.03 23.81
CA ASN B 364 -25.52 -24.99 23.80
C ASN B 364 -24.38 -24.61 22.82
N ASN B 365 -24.53 -23.48 22.09
CA ASN B 365 -23.55 -22.96 21.11
C ASN B 365 -23.26 -23.93 19.97
N SER B 366 -24.29 -24.68 19.54
CA SER B 366 -24.12 -25.65 18.48
C SER B 366 -25.30 -25.67 17.52
N LEU B 367 -25.01 -26.02 16.27
CA LEU B 367 -26.00 -26.17 15.22
C LEU B 367 -26.03 -27.65 14.78
N ASP B 368 -25.41 -28.57 15.59
CA ASP B 368 -25.31 -30.02 15.33
C ASP B 368 -26.65 -30.69 14.97
N PHE B 369 -27.78 -30.15 15.50
CA PHE B 369 -29.14 -30.64 15.25
C PHE B 369 -29.60 -30.52 13.80
N LEU B 370 -29.15 -29.44 13.09
CA LEU B 370 -29.48 -29.12 11.69
C LEU B 370 -29.14 -30.21 10.64
N ASP B 371 -28.32 -31.22 11.01
CA ASP B 371 -27.94 -32.32 10.11
C ASP B 371 -28.93 -33.46 10.26
#